data_1EHY
#
_entry.id   1EHY
#
_cell.length_a   146.624
_cell.length_b   100.201
_cell.length_c   96.879
_cell.angle_alpha   90.00
_cell.angle_beta   100.68
_cell.angle_gamma   90.00
#
_symmetry.space_group_name_H-M   'C 1 2 1'
#
loop_
_entity.id
_entity.type
_entity.pdbx_description
1 polymer 'PROTEIN (SOLUBLE EPOXIDE HYDROLASE)'
2 non-polymer 'POTASSIUM ION'
3 water water
#
_entity_poly.entity_id   1
_entity_poly.type   'polypeptide(L)'
_entity_poly.pdbx_seq_one_letter_code
;MAIRRPEDFKHYEVQLPDVKIHYVREGAGPTLLLLHGWPGFWWEWSKVIGPLAEHYDVIVPDLRGFGDSEKPDLNDLSKY
SLDKAADDQAALLDALGIEKAYVVGHDFAAIVLHKFIRKYSDRVIKAAIFDPIQPDFGPVYFGLGHVHESWYSQFHQLDM
AVEVVGSSREVCKKYFKHFFDHWSYRDELLTEEELEVHVDNCMKPDNIHGGFNYYRANIRPDAALWTDLDHTMSDLPVTM
IWGLGDTCVPYAPLIEFVPKYYSNYTMETIEDCGHFLMVEKPEIAIDRIKTAFR
;
_entity_poly.pdbx_strand_id   A,B,C,D
#
loop_
_chem_comp.id
_chem_comp.type
_chem_comp.name
_chem_comp.formula
K non-polymer 'POTASSIUM ION' 'K 1'
#
# COMPACT_ATOMS: atom_id res chain seq x y z
N ALA A 2 -10.27 43.30 -0.10
CA ALA A 2 -10.24 41.81 -0.28
C ALA A 2 -11.46 41.06 0.30
N ILE A 3 -11.79 41.29 1.58
CA ILE A 3 -12.91 40.60 2.20
C ILE A 3 -14.30 41.19 1.95
N ARG A 4 -15.26 40.28 1.73
CA ARG A 4 -16.67 40.60 1.50
C ARG A 4 -17.40 39.61 2.40
N ARG A 5 -17.64 40.02 3.65
CA ARG A 5 -18.29 39.20 4.66
C ARG A 5 -19.57 38.51 4.24
N PRO A 6 -19.92 37.39 4.91
CA PRO A 6 -21.13 36.63 4.60
C PRO A 6 -22.41 37.47 4.48
N GLU A 7 -22.63 38.35 5.47
CA GLU A 7 -23.81 39.21 5.54
C GLU A 7 -23.92 40.19 4.38
N ASP A 8 -22.85 40.31 3.61
CA ASP A 8 -22.85 41.22 2.48
C ASP A 8 -23.37 40.61 1.20
N PHE A 9 -24.03 39.45 1.31
CA PHE A 9 -24.58 38.78 0.14
C PHE A 9 -26.07 38.59 0.34
N LYS A 10 -26.77 38.26 -0.74
CA LYS A 10 -28.21 38.02 -0.67
C LYS A 10 -28.45 36.52 -0.44
N HIS A 11 -28.91 36.20 0.77
CA HIS A 11 -29.17 34.82 1.19
C HIS A 11 -30.57 34.27 0.89
N TYR A 12 -30.63 32.95 0.77
CA TYR A 12 -31.88 32.23 0.50
C TYR A 12 -31.84 30.83 1.10
N GLU A 13 -33.02 30.28 1.38
CA GLU A 13 -33.13 28.93 1.90
C GLU A 13 -34.36 28.29 1.29
N VAL A 14 -34.18 27.15 0.63
CA VAL A 14 -35.29 26.45 0.01
C VAL A 14 -35.44 25.06 0.57
N GLN A 15 -36.69 24.62 0.65
CA GLN A 15 -36.99 23.29 1.08
C GLN A 15 -37.08 22.48 -0.21
N LEU A 16 -36.12 21.59 -0.40
CA LEU A 16 -36.12 20.73 -1.57
C LEU A 16 -36.86 19.48 -1.09
N PRO A 17 -37.34 18.64 -2.01
CA PRO A 17 -38.06 17.43 -1.60
C PRO A 17 -37.30 16.55 -0.61
N ASP A 18 -35.98 16.57 -0.69
CA ASP A 18 -35.16 15.75 0.18
C ASP A 18 -34.49 16.46 1.33
N VAL A 19 -34.14 17.72 1.13
CA VAL A 19 -33.39 18.45 2.16
C VAL A 19 -33.60 19.97 2.05
N LYS A 20 -33.26 20.70 3.10
CA LYS A 20 -33.36 22.17 3.11
C LYS A 20 -31.96 22.70 2.75
N ILE A 21 -31.90 23.50 1.70
CA ILE A 21 -30.63 24.05 1.23
C ILE A 21 -30.55 25.56 1.31
N HIS A 22 -29.42 26.03 1.82
CA HIS A 22 -29.14 27.47 1.93
C HIS A 22 -28.20 27.85 0.80
N TYR A 23 -28.50 28.94 0.10
CA TYR A 23 -27.62 29.40 -0.96
C TYR A 23 -27.60 30.91 -1.00
N VAL A 24 -26.62 31.44 -1.72
CA VAL A 24 -26.44 32.87 -1.90
C VAL A 24 -26.60 33.04 -3.40
N ARG A 25 -27.13 34.17 -3.83
CA ARG A 25 -27.32 34.38 -5.25
C ARG A 25 -27.25 35.85 -5.61
N GLU A 26 -26.79 36.13 -6.83
CA GLU A 26 -26.70 37.51 -7.34
C GLU A 26 -26.17 37.49 -8.77
N GLY A 27 -26.42 38.57 -9.50
CA GLY A 27 -25.96 38.67 -10.87
C GLY A 27 -27.03 38.44 -11.93
N ALA A 28 -26.64 38.54 -13.20
CA ALA A 28 -27.58 38.34 -14.30
C ALA A 28 -26.86 37.69 -15.49
N GLY A 29 -27.59 36.86 -16.22
CA GLY A 29 -27.04 36.17 -17.37
C GLY A 29 -27.24 34.66 -17.22
N PRO A 30 -26.50 33.84 -17.98
CA PRO A 30 -26.67 32.39 -17.84
C PRO A 30 -26.32 31.99 -16.40
N THR A 31 -26.97 30.96 -15.89
CA THR A 31 -26.75 30.53 -14.51
C THR A 31 -25.38 29.89 -14.31
N LEU A 32 -24.74 30.22 -13.18
CA LEU A 32 -23.42 29.69 -12.82
C LEU A 32 -23.54 29.10 -11.42
N LEU A 33 -23.45 27.78 -11.32
CA LEU A 33 -23.52 27.08 -10.04
C LEU A 33 -22.11 26.85 -9.49
N LEU A 34 -21.77 27.48 -8.36
CA LEU A 34 -20.44 27.31 -7.76
C LEU A 34 -20.55 26.43 -6.53
N LEU A 35 -19.89 25.26 -6.59
CA LEU A 35 -19.94 24.28 -5.51
C LEU A 35 -18.64 24.10 -4.74
N HIS A 36 -18.72 24.29 -3.43
CA HIS A 36 -17.58 24.17 -2.53
C HIS A 36 -17.27 22.73 -2.12
N GLY A 37 -16.25 22.56 -1.30
CA GLY A 37 -15.88 21.24 -0.82
C GLY A 37 -15.52 21.35 0.64
N TRP A 38 -14.60 20.49 1.11
CA TRP A 38 -14.17 20.52 2.50
C TRP A 38 -12.69 20.91 2.53
N PRO A 39 -12.31 21.78 3.48
CA PRO A 39 -13.18 22.39 4.47
C PRO A 39 -13.81 23.66 3.90
N GLY A 40 -14.79 24.21 4.62
CA GLY A 40 -15.42 25.42 4.14
C GLY A 40 -16.89 25.35 3.90
N PHE A 41 -17.38 26.31 3.12
CA PHE A 41 -18.79 26.41 2.75
C PHE A 41 -18.90 27.34 1.55
N TRP A 42 -20.12 27.81 1.25
CA TRP A 42 -20.35 28.67 0.10
C TRP A 42 -19.42 29.88 0.07
N TRP A 43 -19.10 30.41 1.24
CA TRP A 43 -18.28 31.60 1.37
C TRP A 43 -16.88 31.57 0.77
N GLU A 44 -16.34 30.38 0.56
CA GLU A 44 -15.00 30.29 -0.03
C GLU A 44 -14.99 30.93 -1.41
N TRP A 45 -16.18 31.08 -2.01
CA TRP A 45 -16.30 31.71 -3.32
C TRP A 45 -16.52 33.22 -3.23
N SER A 46 -16.52 33.77 -2.02
CA SER A 46 -16.79 35.20 -1.82
C SER A 46 -15.98 36.22 -2.66
N LYS A 47 -14.73 35.91 -2.96
CA LYS A 47 -13.89 36.82 -3.75
C LYS A 47 -14.24 36.81 -5.22
N VAL A 48 -14.84 35.71 -5.66
CA VAL A 48 -15.14 35.54 -7.08
C VAL A 48 -16.61 35.73 -7.49
N ILE A 49 -17.52 35.75 -6.52
CA ILE A 49 -18.94 35.91 -6.83
C ILE A 49 -19.27 37.25 -7.49
N GLY A 50 -18.85 38.34 -6.84
CA GLY A 50 -19.10 39.66 -7.38
C GLY A 50 -18.69 39.83 -8.83
N PRO A 51 -17.40 39.64 -9.16
CA PRO A 51 -16.91 39.78 -10.53
C PRO A 51 -17.68 38.90 -11.51
N LEU A 52 -17.92 37.64 -11.14
CA LEU A 52 -18.65 36.74 -12.02
C LEU A 52 -20.11 37.12 -12.20
N ALA A 53 -20.68 37.77 -11.18
CA ALA A 53 -22.08 38.20 -11.21
C ALA A 53 -22.37 39.24 -12.28
N GLU A 54 -21.34 39.85 -12.84
CA GLU A 54 -21.52 40.85 -13.87
C GLU A 54 -21.89 40.21 -15.20
N HIS A 55 -21.55 38.93 -15.33
CA HIS A 55 -21.82 38.19 -16.56
C HIS A 55 -22.70 36.95 -16.38
N TYR A 56 -22.90 36.53 -15.13
CA TYR A 56 -23.70 35.34 -14.84
C TYR A 56 -24.64 35.52 -13.66
N ASP A 57 -25.66 34.67 -13.64
CA ASP A 57 -26.61 34.59 -12.54
C ASP A 57 -25.91 33.57 -11.63
N VAL A 58 -25.12 34.07 -10.69
CA VAL A 58 -24.33 33.22 -9.78
C VAL A 58 -25.12 32.68 -8.61
N ILE A 59 -25.11 31.36 -8.49
CA ILE A 59 -25.80 30.65 -7.41
C ILE A 59 -24.75 29.85 -6.66
N VAL A 60 -24.63 30.08 -5.36
CA VAL A 60 -23.63 29.41 -4.55
C VAL A 60 -24.26 28.80 -3.31
N PRO A 61 -24.58 27.49 -3.37
CA PRO A 61 -25.20 26.83 -2.22
C PRO A 61 -24.22 26.13 -1.30
N ASP A 62 -24.69 25.88 -0.10
CA ASP A 62 -23.96 25.11 0.88
C ASP A 62 -24.42 23.67 0.59
N LEU A 63 -23.49 22.74 0.51
CA LEU A 63 -23.85 21.35 0.26
C LEU A 63 -24.57 20.87 1.52
N ARG A 64 -25.39 19.83 1.39
CA ARG A 64 -26.08 19.31 2.56
C ARG A 64 -24.99 18.93 3.54
N GLY A 65 -25.23 19.17 4.82
CA GLY A 65 -24.21 18.84 5.81
C GLY A 65 -23.21 19.97 6.06
N PHE A 66 -23.32 21.05 5.29
CA PHE A 66 -22.42 22.21 5.42
C PHE A 66 -23.16 23.52 5.62
N GLY A 67 -22.40 24.54 6.01
CA GLY A 67 -22.92 25.88 6.22
C GLY A 67 -24.25 25.96 6.92
N ASP A 68 -25.19 26.60 6.26
CA ASP A 68 -26.55 26.76 6.80
C ASP A 68 -27.50 25.77 6.18
N SER A 69 -26.99 24.93 5.29
CA SER A 69 -27.85 23.93 4.70
C SER A 69 -28.15 22.92 5.80
N GLU A 70 -29.18 22.13 5.59
CA GLU A 70 -29.59 21.15 6.56
C GLU A 70 -28.55 20.06 6.79
N LYS A 71 -28.44 19.62 8.03
CA LYS A 71 -27.55 18.51 8.37
C LYS A 71 -28.49 17.33 8.60
N PRO A 72 -28.66 16.45 7.59
CA PRO A 72 -29.54 15.29 7.78
C PRO A 72 -29.09 14.46 8.98
N ASP A 73 -29.94 13.51 9.40
CA ASP A 73 -29.68 12.60 10.52
C ASP A 73 -28.18 12.23 10.54
N LEU A 74 -27.45 12.73 11.53
CA LEU A 74 -26.00 12.50 11.65
C LEU A 74 -25.55 11.05 11.72
N ASN A 75 -26.47 10.15 12.06
CA ASN A 75 -26.18 8.71 12.14
C ASN A 75 -26.53 7.95 10.86
N ASP A 76 -27.25 8.61 9.96
CA ASP A 76 -27.64 8.00 8.71
C ASP A 76 -26.68 8.44 7.58
N LEU A 77 -25.60 7.69 7.39
CA LEU A 77 -24.61 8.01 6.38
C LEU A 77 -25.11 7.97 4.94
N SER A 78 -26.25 7.31 4.70
CA SER A 78 -26.81 7.23 3.33
C SER A 78 -27.26 8.62 2.89
N LYS A 79 -27.49 9.48 3.87
CA LYS A 79 -27.91 10.85 3.62
C LYS A 79 -26.72 11.80 3.39
N TYR A 80 -25.51 11.26 3.49
CA TYR A 80 -24.29 12.04 3.29
C TYR A 80 -23.46 11.58 2.09
N SER A 81 -24.10 10.84 1.18
CA SER A 81 -23.38 10.35 0.01
C SER A 81 -23.30 11.50 -0.97
N LEU A 82 -22.23 11.52 -1.75
CA LEU A 82 -22.06 12.57 -2.75
C LEU A 82 -23.13 12.45 -3.81
N ASP A 83 -23.76 11.28 -3.92
CA ASP A 83 -24.86 11.05 -4.87
C ASP A 83 -26.03 11.96 -4.51
N LYS A 84 -26.30 12.08 -3.21
CA LYS A 84 -27.38 12.91 -2.72
C LYS A 84 -27.07 14.38 -3.00
N ALA A 85 -25.81 14.79 -2.78
CA ALA A 85 -25.41 16.17 -3.04
C ALA A 85 -25.61 16.52 -4.51
N ALA A 86 -25.37 15.57 -5.40
CA ALA A 86 -25.56 15.82 -6.84
C ALA A 86 -27.06 15.97 -7.14
N ASP A 87 -27.88 15.15 -6.49
CA ASP A 87 -29.34 15.20 -6.68
C ASP A 87 -29.85 16.56 -6.19
N ASP A 88 -29.30 17.02 -5.06
CA ASP A 88 -29.66 18.32 -4.49
C ASP A 88 -29.45 19.45 -5.48
N GLN A 89 -28.43 19.34 -6.34
CA GLN A 89 -28.17 20.40 -7.30
C GLN A 89 -29.23 20.43 -8.38
N ALA A 90 -29.70 19.25 -8.79
CA ALA A 90 -30.74 19.15 -9.80
C ALA A 90 -32.03 19.71 -9.20
N ALA A 91 -32.30 19.33 -7.95
CA ALA A 91 -33.48 19.76 -7.22
C ALA A 91 -33.49 21.28 -7.05
N LEU A 92 -32.32 21.86 -6.77
CA LEU A 92 -32.18 23.31 -6.59
C LEU A 92 -32.54 24.01 -7.90
N LEU A 93 -31.96 23.56 -9.00
CA LEU A 93 -32.22 24.15 -10.30
C LEU A 93 -33.73 24.05 -10.64
N ASP A 94 -34.33 22.91 -10.29
CA ASP A 94 -35.77 22.70 -10.52
C ASP A 94 -36.58 23.74 -9.74
N ALA A 95 -36.30 23.85 -8.44
CA ALA A 95 -37.00 24.81 -7.56
C ALA A 95 -36.90 26.22 -8.08
N LEU A 96 -35.78 26.53 -8.73
CA LEU A 96 -35.53 27.86 -9.27
C LEU A 96 -35.86 27.97 -10.76
N GLY A 97 -36.57 26.98 -11.27
CA GLY A 97 -36.98 26.99 -12.67
C GLY A 97 -35.87 27.17 -13.68
N ILE A 98 -34.68 26.67 -13.38
CA ILE A 98 -33.54 26.80 -14.30
C ILE A 98 -33.32 25.49 -15.05
N GLU A 99 -33.38 25.55 -16.38
CA GLU A 99 -33.20 24.36 -17.20
C GLU A 99 -31.77 23.90 -17.36
N LYS A 100 -30.87 24.83 -17.68
CA LYS A 100 -29.45 24.52 -17.88
C LYS A 100 -28.58 25.52 -17.12
N ALA A 101 -27.40 25.08 -16.69
CA ALA A 101 -26.49 25.95 -15.97
C ALA A 101 -25.03 25.53 -16.15
N TYR A 102 -24.14 26.50 -15.98
CA TYR A 102 -22.71 26.24 -16.02
C TYR A 102 -22.43 25.78 -14.60
N VAL A 103 -21.60 24.76 -14.44
CA VAL A 103 -21.33 24.29 -13.10
C VAL A 103 -19.84 24.24 -12.81
N VAL A 104 -19.45 24.63 -11.61
CA VAL A 104 -18.06 24.57 -11.20
C VAL A 104 -18.03 23.81 -9.87
N GLY A 105 -17.27 22.71 -9.85
CA GLY A 105 -17.16 21.90 -8.67
C GLY A 105 -15.74 21.90 -8.12
N HIS A 106 -15.61 22.17 -6.83
CA HIS A 106 -14.33 22.22 -6.15
C HIS A 106 -14.21 21.09 -5.12
N ASP A 107 -13.04 20.47 -5.03
CA ASP A 107 -12.78 19.43 -4.01
C ASP A 107 -13.86 18.32 -4.09
N PHE A 108 -14.53 18.03 -2.98
CA PHE A 108 -15.61 17.01 -2.92
C PHE A 108 -16.65 17.24 -4.01
N ALA A 109 -16.94 18.52 -4.29
CA ALA A 109 -17.92 18.91 -5.30
C ALA A 109 -17.50 18.57 -6.73
N ALA A 110 -16.22 18.28 -6.94
CA ALA A 110 -15.74 17.89 -8.26
C ALA A 110 -16.34 16.51 -8.50
N ILE A 111 -16.41 15.70 -7.43
CA ILE A 111 -17.01 14.36 -7.51
C ILE A 111 -18.53 14.50 -7.73
N VAL A 112 -19.14 15.43 -7.01
CA VAL A 112 -20.57 15.71 -7.14
C VAL A 112 -20.83 16.11 -8.59
N LEU A 113 -19.93 16.95 -9.12
CA LEU A 113 -20.07 17.39 -10.49
C LEU A 113 -19.90 16.22 -11.49
N HIS A 114 -18.94 15.33 -11.23
CA HIS A 114 -18.73 14.19 -12.11
C HIS A 114 -20.02 13.40 -12.17
N LYS A 115 -20.65 13.22 -11.01
CA LYS A 115 -21.89 12.49 -10.93
C LYS A 115 -23.02 13.25 -11.61
N PHE A 116 -23.11 14.54 -11.32
CA PHE A 116 -24.16 15.38 -11.86
C PHE A 116 -24.17 15.47 -13.39
N ILE A 117 -23.01 15.72 -14.00
CA ILE A 117 -22.97 15.85 -15.46
C ILE A 117 -23.41 14.58 -16.18
N ARG A 118 -23.32 13.45 -15.49
CA ARG A 118 -23.74 12.20 -16.06
C ARG A 118 -25.21 11.90 -15.79
N LYS A 119 -25.62 12.03 -14.53
CA LYS A 119 -27.01 11.77 -14.15
C LYS A 119 -27.96 12.85 -14.66
N TYR A 120 -27.46 14.07 -14.82
CA TYR A 120 -28.30 15.19 -15.30
C TYR A 120 -27.60 15.95 -16.44
N SER A 121 -27.16 15.21 -17.45
CA SER A 121 -26.45 15.77 -18.60
C SER A 121 -27.16 16.91 -19.33
N ASP A 122 -28.49 16.83 -19.38
CA ASP A 122 -29.29 17.86 -20.04
C ASP A 122 -29.43 19.16 -19.24
N ARG A 123 -28.97 19.14 -17.98
CA ARG A 123 -29.05 20.30 -17.08
C ARG A 123 -27.76 21.13 -17.02
N VAL A 124 -26.74 20.76 -17.79
CA VAL A 124 -25.48 21.48 -17.77
C VAL A 124 -25.04 21.98 -19.15
N ILE A 125 -24.60 23.23 -19.18
CA ILE A 125 -24.11 23.85 -20.42
C ILE A 125 -22.66 23.42 -20.59
N LYS A 126 -21.82 23.82 -19.65
CA LYS A 126 -20.41 23.46 -19.62
C LYS A 126 -20.07 23.36 -18.13
N ALA A 127 -19.00 22.62 -17.83
CA ALA A 127 -18.59 22.45 -16.44
C ALA A 127 -17.09 22.71 -16.26
N ALA A 128 -16.70 22.91 -15.02
CA ALA A 128 -15.30 23.13 -14.66
C ALA A 128 -15.07 22.44 -13.33
N ILE A 129 -13.93 21.76 -13.23
CA ILE A 129 -13.55 21.07 -12.01
C ILE A 129 -12.33 21.79 -11.44
N PHE A 130 -12.38 22.15 -10.15
CA PHE A 130 -11.26 22.81 -9.47
C PHE A 130 -10.71 21.91 -8.37
N ASP A 131 -9.39 21.71 -8.38
CA ASP A 131 -8.69 20.92 -7.37
C ASP A 131 -9.48 19.79 -6.73
N PRO A 132 -9.79 18.76 -7.52
CA PRO A 132 -10.56 17.58 -7.06
C PRO A 132 -9.85 16.70 -6.05
N ILE A 133 -8.52 16.77 -6.01
CA ILE A 133 -7.74 15.92 -5.11
C ILE A 133 -7.10 16.65 -3.94
N GLN A 134 -7.38 16.18 -2.73
CA GLN A 134 -6.81 16.76 -1.53
C GLN A 134 -5.35 16.27 -1.38
N PRO A 135 -4.47 17.16 -0.88
CA PRO A 135 -3.02 16.91 -0.83
C PRO A 135 -2.45 15.62 -0.27
N ASP A 136 -2.67 15.33 1.02
CA ASP A 136 -1.99 14.17 1.62
C ASP A 136 -2.78 12.86 1.68
N PHE A 137 -3.10 12.29 0.52
CA PHE A 137 -3.87 11.05 0.52
C PHE A 137 -3.09 9.73 0.42
N GLU A 149 -6.51 6.86 1.47
CA GLU A 149 -6.92 6.98 2.90
C GLU A 149 -5.90 7.84 3.68
N SER A 150 -6.22 9.12 3.81
CA SER A 150 -5.37 10.08 4.52
C SER A 150 -5.52 9.94 6.02
N TRP A 151 -4.62 10.57 6.78
CA TRP A 151 -4.69 10.49 8.22
C TRP A 151 -5.99 11.14 8.73
N TYR A 152 -6.38 12.26 8.12
CA TYR A 152 -7.58 12.98 8.53
C TYR A 152 -8.87 12.29 8.12
N SER A 153 -8.90 11.64 6.96
CA SER A 153 -10.11 10.93 6.55
C SER A 153 -10.40 9.84 7.58
N GLN A 154 -9.34 9.24 8.12
CA GLN A 154 -9.47 8.20 9.13
C GLN A 154 -9.84 8.79 10.47
N PHE A 155 -9.20 9.90 10.79
CA PHE A 155 -9.45 10.59 12.05
C PHE A 155 -10.92 11.02 12.10
N HIS A 156 -11.42 11.51 10.96
CA HIS A 156 -12.81 11.96 10.82
C HIS A 156 -13.84 10.84 11.02
N GLN A 157 -13.38 9.59 10.99
CA GLN A 157 -14.25 8.44 11.19
C GLN A 157 -14.60 8.30 12.65
N LEU A 158 -13.77 8.90 13.51
CA LEU A 158 -13.97 8.79 14.94
C LEU A 158 -14.89 9.84 15.55
N ASP A 159 -15.67 9.43 16.55
CA ASP A 159 -16.55 10.38 17.23
C ASP A 159 -15.69 11.25 18.14
N MET A 160 -14.55 10.69 18.58
CA MET A 160 -13.61 11.41 19.44
C MET A 160 -13.11 12.65 18.68
N ALA A 161 -12.94 12.52 17.37
CA ALA A 161 -12.48 13.62 16.53
C ALA A 161 -13.51 14.76 16.53
N VAL A 162 -14.79 14.41 16.42
CA VAL A 162 -15.88 15.40 16.44
C VAL A 162 -15.86 16.15 17.77
N GLU A 163 -15.78 15.37 18.86
CA GLU A 163 -15.77 15.91 20.22
C GLU A 163 -14.58 16.81 20.54
N VAL A 164 -13.44 16.51 19.94
CA VAL A 164 -12.22 17.29 20.14
C VAL A 164 -12.19 18.55 19.29
N VAL A 165 -12.33 18.38 17.98
CA VAL A 165 -12.31 19.50 17.06
C VAL A 165 -13.37 20.57 17.37
N GLY A 166 -14.53 20.12 17.85
CA GLY A 166 -15.60 21.06 18.17
C GLY A 166 -15.67 21.47 19.61
N SER A 167 -14.67 21.09 20.41
CA SER A 167 -14.65 21.42 21.83
C SER A 167 -14.61 22.92 22.17
N SER A 168 -14.05 23.72 21.27
CA SER A 168 -13.94 25.17 21.46
C SER A 168 -13.53 25.83 20.15
N ARG A 169 -13.70 27.16 20.08
CA ARG A 169 -13.30 27.88 18.88
C ARG A 169 -11.79 27.81 18.73
N GLU A 170 -11.08 27.95 19.85
CA GLU A 170 -9.61 27.90 19.85
C GLU A 170 -9.15 26.66 19.11
N VAL A 171 -9.62 25.49 19.57
CA VAL A 171 -9.27 24.20 18.96
C VAL A 171 -9.73 24.08 17.51
N CYS A 172 -11.00 24.39 17.27
CA CYS A 172 -11.57 24.33 15.94
C CYS A 172 -10.77 25.18 14.95
N LYS A 173 -10.34 26.36 15.43
CA LYS A 173 -9.57 27.30 14.62
C LYS A 173 -8.20 26.72 14.24
N LYS A 174 -7.50 26.15 15.23
CA LYS A 174 -6.19 25.57 15.00
C LYS A 174 -6.29 24.43 14.02
N TYR A 175 -7.28 23.56 14.22
CA TYR A 175 -7.48 22.41 13.36
C TYR A 175 -7.68 22.80 11.90
N PHE A 176 -8.67 23.64 11.62
CA PHE A 176 -8.93 24.03 10.24
C PHE A 176 -7.89 24.95 9.63
N LYS A 177 -7.19 25.73 10.46
CA LYS A 177 -6.14 26.62 9.93
C LYS A 177 -5.07 25.78 9.25
N HIS A 178 -4.76 24.64 9.87
CA HIS A 178 -3.77 23.72 9.34
C HIS A 178 -4.06 23.31 7.89
N PHE A 179 -5.31 22.96 7.59
CA PHE A 179 -5.67 22.55 6.24
C PHE A 179 -5.67 23.71 5.28
N PHE A 180 -6.17 24.87 5.73
CA PHE A 180 -6.20 26.04 4.85
C PHE A 180 -4.77 26.40 4.44
N ASP A 181 -3.87 26.41 5.42
CA ASP A 181 -2.46 26.77 5.18
C ASP A 181 -1.66 25.68 4.48
N HIS A 182 -1.63 24.50 5.08
CA HIS A 182 -0.89 23.38 4.51
C HIS A 182 -1.28 23.02 3.07
N TRP A 183 -2.55 23.25 2.69
CA TRP A 183 -3.02 22.93 1.34
C TRP A 183 -2.84 24.08 0.36
N SER A 184 -2.19 25.14 0.82
CA SER A 184 -1.97 26.32 -0.02
C SER A 184 -0.51 26.46 -0.41
N TYR A 185 -0.27 27.08 -1.57
CA TYR A 185 1.09 27.28 -2.01
C TYR A 185 1.79 28.22 -1.02
N ARG A 186 1.22 29.40 -0.80
CA ARG A 186 1.80 30.38 0.13
C ARG A 186 1.64 29.91 1.57
N ASP A 187 2.33 30.57 2.50
CA ASP A 187 2.30 30.18 3.92
C ASP A 187 0.97 30.29 4.65
N GLU A 188 0.21 31.34 4.34
CA GLU A 188 -1.08 31.54 4.98
C GLU A 188 -2.11 31.88 3.93
N LEU A 189 -3.21 31.16 3.96
CA LEU A 189 -4.27 31.38 2.98
C LEU A 189 -5.20 32.51 3.36
N LEU A 190 -5.67 32.49 4.61
CA LEU A 190 -6.63 33.47 5.10
C LEU A 190 -6.09 34.50 6.07
N THR A 191 -6.77 35.64 6.11
CA THR A 191 -6.42 36.70 7.04
C THR A 191 -7.09 36.27 8.33
N GLU A 192 -6.74 36.91 9.44
CA GLU A 192 -7.31 36.59 10.74
C GLU A 192 -8.83 36.74 10.71
N GLU A 193 -9.28 37.75 9.98
CA GLU A 193 -10.70 38.02 9.85
C GLU A 193 -11.36 36.88 9.08
N GLU A 194 -10.83 36.58 7.89
CA GLU A 194 -11.40 35.52 7.07
C GLU A 194 -11.45 34.16 7.78
N LEU A 195 -10.40 33.85 8.54
CA LEU A 195 -10.34 32.59 9.28
C LEU A 195 -11.43 32.55 10.34
N GLU A 196 -11.69 33.71 10.95
CA GLU A 196 -12.71 33.82 11.97
C GLU A 196 -14.10 33.55 11.38
N VAL A 197 -14.32 33.94 10.13
CA VAL A 197 -15.60 33.72 9.46
C VAL A 197 -15.79 32.22 9.30
N HIS A 198 -14.71 31.50 8.96
CA HIS A 198 -14.77 30.05 8.81
C HIS A 198 -15.02 29.38 10.16
N VAL A 199 -14.39 29.88 11.22
CA VAL A 199 -14.60 29.31 12.54
C VAL A 199 -16.06 29.50 12.98
N ASP A 200 -16.66 30.63 12.59
CA ASP A 200 -18.06 30.93 12.91
C ASP A 200 -18.96 29.86 12.30
N ASN A 201 -18.64 29.54 11.06
CA ASN A 201 -19.39 28.53 10.33
C ASN A 201 -19.15 27.13 10.90
N CYS A 202 -17.89 26.81 11.17
CA CYS A 202 -17.54 25.51 11.71
C CYS A 202 -18.17 25.24 13.07
N MET A 203 -18.30 26.26 13.88
CA MET A 203 -18.87 26.09 15.21
C MET A 203 -20.39 26.02 15.25
N LYS A 204 -21.05 26.22 14.12
CA LYS A 204 -22.50 26.12 14.09
C LYS A 204 -22.84 24.67 14.38
N PRO A 205 -23.95 24.44 15.10
CA PRO A 205 -24.40 23.09 15.47
C PRO A 205 -24.36 22.08 14.33
N ASP A 206 -23.71 20.96 14.61
CA ASP A 206 -23.57 19.84 13.68
C ASP A 206 -22.71 20.03 12.44
N ASN A 207 -22.08 21.19 12.28
CA ASN A 207 -21.26 21.42 11.09
C ASN A 207 -19.95 20.62 11.05
N ILE A 208 -19.32 20.41 12.20
CA ILE A 208 -18.08 19.63 12.26
C ILE A 208 -18.42 18.20 11.86
N HIS A 209 -19.40 17.62 12.54
CA HIS A 209 -19.85 16.26 12.29
C HIS A 209 -20.38 16.09 10.87
N GLY A 210 -21.13 17.07 10.40
CA GLY A 210 -21.67 16.99 9.05
C GLY A 210 -20.59 16.87 8.00
N GLY A 211 -19.50 17.65 8.18
CA GLY A 211 -18.39 17.59 7.24
C GLY A 211 -17.66 16.25 7.33
N PHE A 212 -17.38 15.82 8.56
CA PHE A 212 -16.71 14.54 8.77
C PHE A 212 -17.52 13.39 8.19
N ASN A 213 -18.86 13.52 8.17
CA ASN A 213 -19.73 12.49 7.62
C ASN A 213 -19.47 12.27 6.14
N TYR A 214 -19.00 13.31 5.46
CA TYR A 214 -18.69 13.19 4.04
C TYR A 214 -17.55 12.21 3.87
N TYR A 215 -16.67 12.13 4.87
CA TYR A 215 -15.55 11.19 4.83
C TYR A 215 -16.08 9.83 5.24
N ARG A 216 -16.91 9.79 6.28
CA ARG A 216 -17.46 8.53 6.75
C ARG A 216 -18.33 7.83 5.71
N ALA A 217 -19.11 8.62 4.97
CA ALA A 217 -20.01 8.08 3.95
C ALA A 217 -19.41 7.82 2.59
N ASN A 218 -18.36 8.55 2.25
CA ASN A 218 -17.77 8.41 0.92
C ASN A 218 -16.32 7.99 0.83
N ILE A 219 -15.51 8.39 1.81
CA ILE A 219 -14.09 8.05 1.78
C ILE A 219 -13.79 6.92 2.74
N ARG A 220 -14.17 5.72 2.31
CA ARG A 220 -13.98 4.51 3.10
C ARG A 220 -13.77 3.31 2.18
N PRO A 221 -13.13 2.24 2.70
CA PRO A 221 -12.90 1.03 1.90
C PRO A 221 -14.21 0.39 1.43
N ASP A 222 -15.15 0.16 2.37
CA ASP A 222 -16.45 -0.45 2.04
C ASP A 222 -17.46 0.53 1.43
N ALA A 223 -17.12 1.80 1.43
CA ALA A 223 -17.98 2.85 0.89
C ALA A 223 -17.97 2.84 -0.63
N ALA A 224 -19.16 2.77 -1.22
CA ALA A 224 -19.32 2.79 -2.67
C ALA A 224 -19.32 4.24 -3.13
N LEU A 225 -18.15 4.74 -3.54
CA LEU A 225 -18.04 6.13 -3.99
C LEU A 225 -18.49 6.35 -5.42
N TRP A 226 -18.36 5.32 -6.26
CA TRP A 226 -18.75 5.46 -7.66
C TRP A 226 -19.86 4.51 -8.08
N THR A 227 -20.71 4.99 -8.98
CA THR A 227 -21.83 4.21 -9.49
C THR A 227 -21.52 3.71 -10.89
N ASP A 228 -22.38 2.84 -11.42
CA ASP A 228 -22.19 2.32 -12.77
C ASP A 228 -22.18 3.49 -13.76
N LEU A 229 -23.11 4.42 -13.57
CA LEU A 229 -23.23 5.59 -14.45
C LEU A 229 -22.00 6.48 -14.44
N ASP A 230 -21.32 6.55 -13.29
CA ASP A 230 -20.11 7.36 -13.15
C ASP A 230 -18.99 6.87 -14.06
N HIS A 231 -19.02 5.58 -14.42
CA HIS A 231 -18.01 4.98 -15.28
C HIS A 231 -18.20 5.27 -16.76
N THR A 232 -19.34 5.87 -17.11
CA THR A 232 -19.63 6.19 -18.49
C THR A 232 -18.86 7.41 -19.01
N MET A 233 -18.78 7.53 -20.33
CA MET A 233 -18.07 8.61 -20.98
C MET A 233 -18.94 9.87 -21.15
N SER A 234 -18.30 11.02 -21.01
CA SER A 234 -18.99 12.31 -21.14
C SER A 234 -18.35 13.17 -22.22
N ASP A 235 -19.17 13.63 -23.17
CA ASP A 235 -18.70 14.49 -24.27
C ASP A 235 -18.83 15.96 -23.90
N LEU A 236 -19.39 16.20 -22.71
CA LEU A 236 -19.62 17.54 -22.20
C LEU A 236 -18.28 18.27 -21.99
N PRO A 237 -18.18 19.51 -22.48
CA PRO A 237 -16.93 20.27 -22.31
C PRO A 237 -16.65 20.59 -20.85
N VAL A 238 -15.59 19.98 -20.35
CA VAL A 238 -15.17 20.15 -18.95
C VAL A 238 -13.82 20.84 -18.87
N THR A 239 -13.68 21.76 -17.92
CA THR A 239 -12.43 22.48 -17.74
C THR A 239 -11.81 22.12 -16.40
N MET A 240 -10.74 21.31 -16.45
CA MET A 240 -10.05 20.91 -15.26
C MET A 240 -8.87 21.83 -14.96
N ILE A 241 -8.81 22.29 -13.71
CA ILE A 241 -7.78 23.22 -13.27
C ILE A 241 -7.44 22.96 -11.81
N TRP A 242 -6.15 22.83 -11.51
CA TRP A 242 -5.71 22.62 -10.14
C TRP A 242 -4.35 23.29 -9.94
N GLY A 243 -4.03 23.63 -8.70
CA GLY A 243 -2.77 24.28 -8.42
C GLY A 243 -1.68 23.20 -8.25
N LEU A 244 -0.44 23.61 -8.48
CA LEU A 244 0.72 22.71 -8.36
C LEU A 244 0.83 22.21 -6.90
N GLY A 245 0.10 22.89 -6.04
CA GLY A 245 0.00 22.57 -4.61
C GLY A 245 1.23 23.05 -3.85
N ASP A 246 1.20 22.68 -2.59
CA ASP A 246 2.24 22.98 -1.65
C ASP A 246 3.53 22.20 -2.04
N THR A 247 3.37 21.20 -2.92
CA THR A 247 4.48 20.36 -3.44
C THR A 247 4.22 20.09 -4.95
N CYS A 248 4.08 18.81 -5.33
CA CYS A 248 3.80 18.44 -6.73
C CYS A 248 3.77 16.93 -7.02
N VAL A 249 2.93 16.47 -8.06
CA VAL A 249 2.95 15.15 -8.66
C VAL A 249 1.77 14.18 -8.16
N PRO A 250 1.00 14.30 -6.99
CA PRO A 250 -0.14 13.34 -6.71
C PRO A 250 -1.25 13.45 -7.74
N TYR A 251 -1.27 14.32 -8.74
CA TYR A 251 -2.35 14.46 -9.70
C TYR A 251 -2.07 13.63 -10.95
N ALA A 252 -0.98 12.87 -10.93
CA ALA A 252 -0.58 12.02 -12.05
C ALA A 252 -1.68 11.05 -12.47
N PRO A 253 -2.26 10.29 -11.52
CA PRO A 253 -3.33 9.33 -11.85
C PRO A 253 -4.54 9.98 -12.54
N LEU A 254 -4.90 11.17 -12.10
CA LEU A 254 -6.02 11.91 -12.66
C LEU A 254 -5.76 12.16 -14.14
N ILE A 255 -4.56 12.66 -14.43
CA ILE A 255 -4.14 12.97 -15.80
C ILE A 255 -4.23 11.79 -16.77
N GLU A 256 -4.05 10.59 -16.24
CA GLU A 256 -4.10 9.36 -17.01
C GLU A 256 -5.51 8.82 -17.19
N PHE A 257 -6.27 8.82 -16.10
CA PHE A 257 -7.63 8.31 -16.09
C PHE A 257 -8.72 9.20 -16.70
N VAL A 258 -8.52 10.53 -16.67
CA VAL A 258 -9.52 11.46 -17.22
C VAL A 258 -9.96 11.15 -18.64
N PRO A 259 -9.01 10.92 -19.57
CA PRO A 259 -9.39 10.63 -20.96
C PRO A 259 -10.26 9.37 -21.12
N LYS A 260 -10.27 8.53 -20.09
CA LYS A 260 -11.07 7.30 -20.12
C LYS A 260 -12.54 7.57 -19.83
N TYR A 261 -12.83 8.74 -19.25
CA TYR A 261 -14.20 9.11 -18.90
C TYR A 261 -14.66 10.45 -19.49
N TYR A 262 -13.72 11.20 -20.05
CA TYR A 262 -14.01 12.50 -20.65
C TYR A 262 -13.39 12.58 -22.03
N SER A 263 -14.21 12.95 -23.02
CA SER A 263 -13.76 13.08 -24.40
C SER A 263 -13.55 14.54 -24.79
N ASN A 264 -14.20 15.45 -24.07
CA ASN A 264 -14.10 16.88 -24.36
C ASN A 264 -13.68 17.63 -23.10
N TYR A 265 -12.36 17.77 -22.91
CA TYR A 265 -11.86 18.45 -21.72
C TYR A 265 -10.52 19.14 -21.92
N THR A 266 -10.09 19.86 -20.88
CA THR A 266 -8.79 20.56 -20.84
C THR A 266 -8.26 20.46 -19.42
N MET A 267 -6.95 20.54 -19.27
CA MET A 267 -6.33 20.47 -17.95
C MET A 267 -5.33 21.60 -17.83
N GLU A 268 -5.21 22.15 -16.62
CA GLU A 268 -4.27 23.22 -16.40
C GLU A 268 -3.85 23.29 -14.96
N THR A 269 -2.56 23.50 -14.75
CA THR A 269 -2.02 23.63 -13.40
C THR A 269 -1.67 25.09 -13.22
N ILE A 270 -1.94 25.61 -12.03
CA ILE A 270 -1.66 26.99 -11.73
C ILE A 270 -0.40 27.06 -10.85
N GLU A 271 0.67 27.65 -11.39
CA GLU A 271 1.93 27.77 -10.64
C GLU A 271 1.75 28.80 -9.52
N ASP A 272 2.32 28.43 -8.39
CA ASP A 272 2.30 29.25 -7.19
C ASP A 272 0.89 29.34 -6.59
N CYS A 273 0.16 28.23 -6.68
CA CYS A 273 -1.21 28.16 -6.16
C CYS A 273 -1.49 26.78 -5.55
N GLY A 274 -2.21 26.79 -4.44
CA GLY A 274 -2.56 25.56 -3.76
C GLY A 274 -3.91 24.99 -4.13
N HIS A 275 -4.57 24.40 -3.13
CA HIS A 275 -5.87 23.75 -3.26
C HIS A 275 -7.09 24.68 -3.42
N PHE A 276 -6.99 25.91 -2.92
CA PHE A 276 -8.08 26.87 -2.99
C PHE A 276 -7.89 27.95 -4.05
N LEU A 277 -8.09 27.58 -5.32
CA LEU A 277 -7.91 28.52 -6.41
C LEU A 277 -8.69 29.82 -6.27
N MET A 278 -9.97 29.71 -5.93
CA MET A 278 -10.83 30.87 -5.79
C MET A 278 -10.41 31.74 -4.60
N VAL A 279 -9.59 31.20 -3.72
CA VAL A 279 -9.16 31.96 -2.54
C VAL A 279 -7.76 32.52 -2.72
N GLU A 280 -6.81 31.67 -3.12
CA GLU A 280 -5.43 32.09 -3.30
C GLU A 280 -5.17 32.89 -4.59
N LYS A 281 -5.87 32.55 -5.66
CA LYS A 281 -5.72 33.24 -6.94
C LYS A 281 -7.09 33.57 -7.53
N PRO A 282 -7.84 34.46 -6.85
CA PRO A 282 -9.18 34.89 -7.27
C PRO A 282 -9.26 35.27 -8.74
N GLU A 283 -8.34 36.14 -9.15
CA GLU A 283 -8.26 36.66 -10.52
C GLU A 283 -8.14 35.57 -11.55
N ILE A 284 -7.32 34.56 -11.24
CA ILE A 284 -7.13 33.45 -12.14
C ILE A 284 -8.41 32.63 -12.27
N ALA A 285 -9.07 32.40 -11.13
CA ALA A 285 -10.33 31.67 -11.08
C ALA A 285 -11.37 32.35 -11.98
N ILE A 286 -11.55 33.65 -11.77
CA ILE A 286 -12.52 34.45 -12.54
C ILE A 286 -12.22 34.42 -14.03
N ASP A 287 -10.94 34.59 -14.37
CA ASP A 287 -10.50 34.59 -15.75
C ASP A 287 -10.80 33.27 -16.44
N ARG A 288 -10.35 32.18 -15.84
CA ARG A 288 -10.55 30.84 -16.38
C ARG A 288 -12.02 30.53 -16.63
N ILE A 289 -12.86 30.88 -15.65
CA ILE A 289 -14.31 30.66 -15.76
C ILE A 289 -14.94 31.49 -16.88
N LYS A 290 -14.61 32.79 -16.94
CA LYS A 290 -15.16 33.71 -17.96
C LYS A 290 -14.84 33.32 -19.40
N THR A 291 -13.65 32.76 -19.59
CA THR A 291 -13.19 32.33 -20.91
C THR A 291 -13.87 31.02 -21.33
N ALA A 292 -13.87 30.04 -20.42
CA ALA A 292 -14.48 28.73 -20.69
C ALA A 292 -15.99 28.76 -20.84
N PHE A 293 -16.64 29.57 -20.01
CA PHE A 293 -18.10 29.64 -20.03
C PHE A 293 -18.72 30.72 -20.92
N ARG A 294 -18.48 30.61 -22.23
CA ARG A 294 -19.01 31.55 -23.20
C ARG A 294 -19.03 31.00 -24.63
N ALA B 2 28.57 -1.18 -38.93
CA ALA B 2 27.88 -2.19 -38.06
C ALA B 2 28.09 -1.82 -36.58
N ILE B 3 27.42 -2.56 -35.69
CA ILE B 3 27.55 -2.32 -34.26
C ILE B 3 28.83 -3.02 -33.80
N ARG B 4 29.28 -2.70 -32.60
CA ARG B 4 30.47 -3.37 -32.09
C ARG B 4 30.01 -4.57 -31.28
N ARG B 5 30.25 -5.77 -31.80
CA ARG B 5 29.88 -7.00 -31.13
C ARG B 5 30.87 -7.26 -29.99
N PRO B 6 30.49 -8.11 -29.02
CA PRO B 6 31.34 -8.44 -27.87
C PRO B 6 32.78 -8.75 -28.20
N GLU B 7 32.99 -9.60 -29.21
CA GLU B 7 34.31 -10.03 -29.64
C GLU B 7 35.18 -8.90 -30.18
N ASP B 8 34.57 -7.75 -30.43
CA ASP B 8 35.28 -6.59 -30.95
C ASP B 8 35.91 -5.75 -29.86
N PHE B 9 35.93 -6.27 -28.64
CA PHE B 9 36.51 -5.54 -27.51
C PHE B 9 37.65 -6.34 -26.92
N LYS B 10 38.40 -5.72 -26.02
CA LYS B 10 39.51 -6.37 -25.35
C LYS B 10 39.02 -6.90 -24.02
N HIS B 11 39.03 -8.22 -23.89
CA HIS B 11 38.57 -8.89 -22.70
C HIS B 11 39.66 -9.31 -21.71
N TYR B 12 39.28 -9.33 -20.44
CA TYR B 12 40.18 -9.72 -19.36
C TYR B 12 39.40 -10.43 -18.26
N GLU B 13 40.10 -11.26 -17.51
CA GLU B 13 39.51 -11.96 -16.38
C GLU B 13 40.51 -11.93 -15.22
N VAL B 14 40.09 -11.35 -14.10
CA VAL B 14 40.94 -11.26 -12.92
C VAL B 14 40.35 -12.01 -11.76
N GLN B 15 41.19 -12.76 -11.06
CA GLN B 15 40.76 -13.47 -9.89
C GLN B 15 40.92 -12.48 -8.74
N LEU B 16 39.80 -11.98 -8.24
CA LEU B 16 39.83 -11.08 -7.10
C LEU B 16 39.83 -12.00 -5.88
N PRO B 17 40.29 -11.52 -4.73
CA PRO B 17 40.33 -12.35 -3.52
C PRO B 17 39.05 -13.13 -3.19
N ASP B 18 37.92 -12.56 -3.56
CA ASP B 18 36.64 -13.16 -3.23
C ASP B 18 35.90 -13.76 -4.41
N VAL B 19 36.22 -13.31 -5.61
CA VAL B 19 35.48 -13.75 -6.80
C VAL B 19 36.27 -13.51 -8.09
N LYS B 20 35.88 -14.17 -9.16
CA LYS B 20 36.56 -14.00 -10.45
C LYS B 20 35.68 -13.10 -11.32
N ILE B 21 36.28 -11.99 -11.78
CA ILE B 21 35.56 -10.99 -12.58
C ILE B 21 36.07 -10.84 -14.02
N HIS B 22 35.12 -10.73 -14.95
CA HIS B 22 35.41 -10.51 -16.34
C HIS B 22 35.10 -9.07 -16.64
N TYR B 23 35.98 -8.43 -17.39
CA TYR B 23 35.76 -7.05 -17.77
C TYR B 23 36.39 -6.79 -19.11
N VAL B 24 35.94 -5.70 -19.73
CA VAL B 24 36.43 -5.23 -21.02
C VAL B 24 37.14 -3.90 -20.69
N ARG B 25 38.20 -3.56 -21.44
CA ARG B 25 38.93 -2.33 -21.18
C ARG B 25 39.57 -1.72 -22.43
N GLU B 26 39.59 -0.40 -22.49
CA GLU B 26 40.22 0.28 -23.62
C GLU B 26 40.23 1.77 -23.39
N GLY B 27 41.15 2.47 -24.04
CA GLY B 27 41.24 3.91 -23.91
C GLY B 27 42.39 4.38 -23.05
N ALA B 28 42.54 5.69 -22.93
CA ALA B 28 43.60 6.24 -22.13
C ALA B 28 43.12 7.52 -21.48
N GLY B 29 43.64 7.80 -20.30
CA GLY B 29 43.25 8.98 -19.57
C GLY B 29 42.80 8.55 -18.20
N PRO B 30 42.09 9.41 -17.48
CA PRO B 30 41.63 9.00 -16.14
C PRO B 30 40.69 7.77 -16.25
N THR B 31 40.68 6.93 -15.21
CA THR B 31 39.86 5.73 -15.26
C THR B 31 38.36 6.00 -15.14
N LEU B 32 37.59 5.37 -16.03
CA LEU B 32 36.13 5.48 -16.07
C LEU B 32 35.55 4.09 -15.87
N LEU B 33 34.95 3.83 -14.70
CA LEU B 33 34.36 2.54 -14.40
C LEU B 33 32.87 2.59 -14.78
N LEU B 34 32.46 1.80 -15.76
CA LEU B 34 31.06 1.75 -16.20
C LEU B 34 30.42 0.47 -15.66
N LEU B 35 29.36 0.63 -14.87
CA LEU B 35 28.67 -0.52 -14.26
C LEU B 35 27.23 -0.72 -14.74
N HIS B 36 26.96 -1.90 -15.29
CA HIS B 36 25.63 -2.26 -15.80
C HIS B 36 24.68 -2.71 -14.67
N GLY B 37 23.43 -2.93 -15.05
CA GLY B 37 22.43 -3.42 -14.11
C GLY B 37 21.74 -4.64 -14.70
N TRP B 38 20.46 -4.82 -14.38
CA TRP B 38 19.64 -5.94 -14.87
C TRP B 38 18.50 -5.34 -15.67
N PRO B 39 18.20 -5.92 -16.86
CA PRO B 39 18.87 -7.07 -17.44
C PRO B 39 20.11 -6.62 -18.23
N GLY B 40 20.94 -7.58 -18.62
CA GLY B 40 22.13 -7.23 -19.38
C GLY B 40 23.46 -7.65 -18.76
N PHE B 41 24.50 -7.02 -19.26
CA PHE B 41 25.86 -7.27 -18.82
C PHE B 41 26.71 -6.12 -19.33
N TRP B 42 28.03 -6.26 -19.26
CA TRP B 42 28.95 -5.18 -19.67
C TRP B 42 28.62 -4.59 -21.03
N TRP B 43 28.19 -5.45 -21.95
CA TRP B 43 27.90 -5.05 -23.32
C TRP B 43 26.86 -3.96 -23.55
N GLU B 44 26.00 -3.69 -22.58
CA GLU B 44 25.02 -2.62 -22.81
C GLU B 44 25.73 -1.27 -23.02
N TRP B 45 26.98 -1.19 -22.62
CA TRP B 45 27.79 0.04 -22.76
C TRP B 45 28.56 0.09 -24.07
N SER B 46 28.42 -0.94 -24.90
CA SER B 46 29.14 -1.05 -26.17
C SER B 46 29.08 0.14 -27.13
N LYS B 47 28.00 0.92 -27.09
CA LYS B 47 27.88 2.08 -27.99
C LYS B 47 28.67 3.30 -27.53
N VAL B 48 28.92 3.40 -26.21
CA VAL B 48 29.61 4.54 -25.64
C VAL B 48 31.06 4.30 -25.24
N ILE B 49 31.49 3.03 -25.18
CA ILE B 49 32.85 2.71 -24.77
C ILE B 49 33.89 3.32 -25.69
N GLY B 50 33.72 3.11 -27.00
CA GLY B 50 34.65 3.63 -27.99
C GLY B 50 34.85 5.13 -27.86
N PRO B 51 33.77 5.91 -28.00
CA PRO B 51 33.85 7.38 -27.89
C PRO B 51 34.49 7.86 -26.58
N LEU B 52 34.14 7.22 -25.47
CA LEU B 52 34.69 7.62 -24.17
C LEU B 52 36.14 7.21 -24.02
N ALA B 53 36.52 6.15 -24.71
CA ALA B 53 37.90 5.66 -24.65
C ALA B 53 38.89 6.68 -25.19
N GLU B 54 38.37 7.67 -25.93
CA GLU B 54 39.21 8.72 -26.49
C GLU B 54 39.64 9.71 -25.43
N HIS B 55 38.97 9.69 -24.28
CA HIS B 55 39.32 10.63 -23.23
C HIS B 55 39.56 9.93 -21.90
N TYR B 56 39.17 8.66 -21.80
CA TYR B 56 39.34 7.92 -20.55
C TYR B 56 39.82 6.49 -20.76
N ASP B 57 40.32 5.92 -19.66
CA ASP B 57 40.75 4.53 -19.59
C ASP B 57 39.45 3.83 -19.14
N VAL B 58 38.66 3.39 -20.10
CA VAL B 58 37.36 2.76 -19.83
C VAL B 58 37.43 1.30 -19.41
N ILE B 59 36.90 1.02 -18.23
CA ILE B 59 36.85 -0.33 -17.65
C ILE B 59 35.37 -0.67 -17.47
N VAL B 60 34.93 -1.77 -18.09
CA VAL B 60 33.51 -2.18 -18.04
C VAL B 60 33.39 -3.63 -17.59
N PRO B 61 33.23 -3.86 -16.28
CA PRO B 61 33.11 -5.25 -15.82
C PRO B 61 31.69 -5.79 -15.79
N ASP B 62 31.62 -7.11 -15.64
CA ASP B 62 30.36 -7.81 -15.47
C ASP B 62 30.27 -7.95 -13.96
N LEU B 63 29.12 -7.60 -13.38
CA LEU B 63 28.96 -7.75 -11.94
C LEU B 63 28.99 -9.23 -11.63
N ARG B 64 29.36 -9.60 -10.40
CA ARG B 64 29.36 -11.01 -10.02
C ARG B 64 27.93 -11.52 -10.27
N GLY B 65 27.81 -12.71 -10.83
CA GLY B 65 26.49 -13.24 -11.11
C GLY B 65 25.97 -12.87 -12.48
N PHE B 66 26.77 -12.13 -13.27
CA PHE B 66 26.40 -11.70 -14.64
C PHE B 66 27.47 -11.99 -15.70
N GLY B 67 27.06 -11.92 -16.96
CA GLY B 67 27.95 -12.13 -18.10
C GLY B 67 28.96 -13.24 -17.96
N ASP B 68 30.23 -12.88 -18.09
CA ASP B 68 31.30 -13.86 -17.95
C ASP B 68 31.95 -13.82 -16.57
N SER B 69 31.43 -13.02 -15.66
CA SER B 69 31.97 -13.01 -14.32
C SER B 69 31.46 -14.25 -13.60
N GLU B 70 32.20 -14.67 -12.59
CA GLU B 70 31.83 -15.84 -11.82
C GLU B 70 30.43 -15.69 -11.21
N LYS B 71 29.74 -16.81 -11.12
CA LYS B 71 28.42 -16.88 -10.51
C LYS B 71 28.72 -17.65 -9.24
N PRO B 72 28.79 -16.96 -8.09
CA PRO B 72 29.06 -17.64 -6.82
C PRO B 72 27.95 -18.67 -6.51
N ASP B 73 28.15 -19.49 -5.47
CA ASP B 73 27.19 -20.50 -5.03
C ASP B 73 25.78 -19.97 -5.16
N LEU B 74 25.06 -20.44 -6.18
CA LEU B 74 23.70 -19.99 -6.47
C LEU B 74 22.71 -20.07 -5.31
N ASN B 75 23.01 -20.90 -4.33
CA ASN B 75 22.14 -21.08 -3.17
C ASN B 75 22.57 -20.24 -1.97
N ASP B 76 23.72 -19.59 -2.08
CA ASP B 76 24.21 -18.77 -1.00
C ASP B 76 23.95 -17.32 -1.38
N LEU B 77 22.83 -16.78 -0.93
CA LEU B 77 22.46 -15.41 -1.25
C LEU B 77 23.38 -14.34 -0.63
N SER B 78 24.17 -14.72 0.36
CA SER B 78 25.07 -13.74 0.96
C SER B 78 26.11 -13.33 -0.07
N LYS B 79 26.35 -14.19 -1.05
CA LYS B 79 27.33 -13.92 -2.11
C LYS B 79 26.74 -13.04 -3.20
N TYR B 80 25.45 -12.74 -3.11
CA TYR B 80 24.76 -11.94 -4.13
C TYR B 80 24.25 -10.58 -3.68
N SER B 81 24.72 -10.14 -2.51
CA SER B 81 24.31 -8.84 -2.01
C SER B 81 25.00 -7.75 -2.82
N LEU B 82 24.37 -6.60 -2.93
CA LEU B 82 24.94 -5.48 -3.66
C LEU B 82 26.17 -4.95 -2.93
N ASP B 83 26.30 -5.27 -1.64
CA ASP B 83 27.45 -4.87 -0.84
C ASP B 83 28.70 -5.54 -1.42
N LYS B 84 28.58 -6.83 -1.71
CA LYS B 84 29.67 -7.60 -2.30
C LYS B 84 30.05 -7.00 -3.65
N ALA B 85 29.05 -6.69 -4.47
CA ALA B 85 29.33 -6.11 -5.79
C ALA B 85 30.12 -4.80 -5.69
N ALA B 86 29.89 -4.04 -4.61
CA ALA B 86 30.60 -2.78 -4.40
C ALA B 86 32.05 -3.08 -3.96
N ASP B 87 32.22 -4.08 -3.10
CA ASP B 87 33.55 -4.48 -2.66
C ASP B 87 34.35 -4.96 -3.87
N ASP B 88 33.69 -5.66 -4.79
CA ASP B 88 34.32 -6.17 -6.00
C ASP B 88 34.91 -5.03 -6.84
N GLN B 89 34.30 -3.86 -6.81
CA GLN B 89 34.80 -2.75 -7.60
C GLN B 89 36.10 -2.20 -7.00
N ALA B 90 36.15 -2.13 -5.67
CA ALA B 90 37.35 -1.65 -4.99
C ALA B 90 38.47 -2.62 -5.30
N ALA B 91 38.17 -3.91 -5.15
CA ALA B 91 39.13 -4.97 -5.40
C ALA B 91 39.66 -4.94 -6.84
N LEU B 92 38.78 -4.62 -7.80
CA LEU B 92 39.16 -4.55 -9.21
C LEU B 92 40.17 -3.43 -9.38
N LEU B 93 39.85 -2.26 -8.82
CA LEU B 93 40.74 -1.12 -8.89
C LEU B 93 42.08 -1.46 -8.24
N ASP B 94 42.05 -2.19 -7.11
CA ASP B 94 43.29 -2.60 -6.46
C ASP B 94 44.09 -3.50 -7.39
N ALA B 95 43.42 -4.49 -7.97
CA ALA B 95 44.08 -5.44 -8.86
C ALA B 95 44.74 -4.75 -10.05
N LEU B 96 44.12 -3.69 -10.55
CA LEU B 96 44.68 -2.99 -11.70
C LEU B 96 45.56 -1.81 -11.30
N GLY B 97 45.87 -1.71 -10.01
CA GLY B 97 46.70 -0.62 -9.51
C GLY B 97 46.16 0.78 -9.73
N ILE B 98 44.85 0.93 -9.71
CA ILE B 98 44.21 2.22 -9.90
C ILE B 98 43.78 2.77 -8.55
N GLU B 99 44.23 4.00 -8.24
CA GLU B 99 43.90 4.64 -6.96
C GLU B 99 42.52 5.30 -6.94
N LYS B 100 42.24 6.10 -7.96
CA LYS B 100 40.97 6.80 -8.04
C LYS B 100 40.39 6.63 -9.43
N ALA B 101 39.07 6.71 -9.52
CA ALA B 101 38.38 6.58 -10.79
C ALA B 101 37.01 7.22 -10.79
N TYR B 102 36.55 7.56 -11.99
CA TYR B 102 35.22 8.08 -12.20
C TYR B 102 34.36 6.81 -12.23
N VAL B 103 33.18 6.84 -11.62
CA VAL B 103 32.32 5.66 -11.61
C VAL B 103 30.91 6.02 -12.05
N VAL B 104 30.35 5.23 -12.97
CA VAL B 104 28.97 5.42 -13.46
C VAL B 104 28.22 4.14 -13.13
N GLY B 105 27.12 4.26 -12.41
CA GLY B 105 26.33 3.10 -12.02
C GLY B 105 24.94 3.16 -12.61
N HIS B 106 24.53 2.09 -13.29
CA HIS B 106 23.21 2.01 -13.93
C HIS B 106 22.30 0.99 -13.25
N ASP B 107 21.05 1.35 -13.01
CA ASP B 107 20.10 0.39 -12.46
C ASP B 107 20.61 -0.15 -11.11
N PHE B 108 20.72 -1.47 -10.95
CA PHE B 108 21.22 -2.09 -9.72
C PHE B 108 22.57 -1.50 -9.31
N ALA B 109 23.37 -1.17 -10.31
CA ALA B 109 24.69 -0.62 -10.02
C ALA B 109 24.65 0.80 -9.42
N ALA B 110 23.49 1.45 -9.51
CA ALA B 110 23.35 2.78 -8.92
C ALA B 110 23.39 2.60 -7.40
N ILE B 111 22.85 1.46 -6.96
CA ILE B 111 22.86 1.11 -5.54
C ILE B 111 24.29 0.68 -5.14
N VAL B 112 24.95 -0.05 -6.04
CA VAL B 112 26.32 -0.48 -5.79
C VAL B 112 27.17 0.78 -5.65
N LEU B 113 26.93 1.76 -6.51
CA LEU B 113 27.66 3.02 -6.47
C LEU B 113 27.37 3.75 -5.14
N HIS B 114 26.10 3.89 -4.79
CA HIS B 114 25.72 4.53 -3.53
C HIS B 114 26.54 3.95 -2.40
N LYS B 115 26.64 2.62 -2.38
CA LYS B 115 27.40 1.93 -1.36
C LYS B 115 28.90 2.16 -1.46
N PHE B 116 29.42 2.06 -2.68
CA PHE B 116 30.85 2.21 -2.97
C PHE B 116 31.42 3.56 -2.62
N ILE B 117 30.72 4.62 -3.02
CA ILE B 117 31.23 5.96 -2.75
C ILE B 117 31.31 6.32 -1.27
N ARG B 118 30.68 5.51 -0.43
CA ARG B 118 30.71 5.75 0.99
C ARG B 118 31.72 4.85 1.67
N LYS B 119 31.83 3.61 1.21
CA LYS B 119 32.77 2.70 1.84
C LYS B 119 34.17 2.95 1.28
N TYR B 120 34.24 3.47 0.05
CA TYR B 120 35.52 3.71 -0.62
C TYR B 120 35.53 5.13 -1.23
N SER B 121 35.21 6.13 -0.42
CA SER B 121 35.16 7.53 -0.87
C SER B 121 36.46 8.05 -1.49
N ASP B 122 37.57 7.58 -0.96
CA ASP B 122 38.89 7.98 -1.44
C ASP B 122 39.29 7.34 -2.78
N ARG B 123 38.45 6.45 -3.31
CA ARG B 123 38.74 5.78 -4.58
C ARG B 123 37.94 6.38 -5.73
N VAL B 124 37.18 7.42 -5.47
CA VAL B 124 36.38 8.01 -6.53
C VAL B 124 36.62 9.50 -6.72
N ILE B 125 36.76 9.89 -7.98
CA ILE B 125 36.97 11.29 -8.34
C ILE B 125 35.58 11.89 -8.36
N LYS B 126 34.75 11.48 -9.32
CA LYS B 126 33.37 11.91 -9.41
C LYS B 126 32.53 10.68 -9.79
N ALA B 127 31.21 10.75 -9.60
CA ALA B 127 30.35 9.64 -9.91
C ALA B 127 29.07 10.07 -10.64
N ALA B 128 28.48 9.14 -11.39
CA ALA B 128 27.22 9.38 -12.10
C ALA B 128 26.32 8.19 -11.89
N ILE B 129 25.03 8.47 -11.71
CA ILE B 129 24.01 7.45 -11.52
C ILE B 129 23.02 7.53 -12.68
N PHE B 130 22.90 6.45 -13.43
CA PHE B 130 21.97 6.38 -14.57
C PHE B 130 20.77 5.50 -14.21
N ASP B 131 19.56 6.03 -14.41
CA ASP B 131 18.30 5.32 -14.18
C ASP B 131 18.33 4.26 -13.07
N PRO B 132 18.44 4.70 -11.81
CA PRO B 132 18.49 3.81 -10.65
C PRO B 132 17.19 3.05 -10.31
N ILE B 133 16.06 3.54 -10.82
CA ILE B 133 14.77 2.94 -10.56
C ILE B 133 14.12 2.25 -11.75
N GLN B 134 13.82 0.96 -11.57
CA GLN B 134 13.17 0.18 -12.63
C GLN B 134 11.70 0.55 -12.63
N PRO B 135 11.14 0.81 -13.82
CA PRO B 135 9.77 1.20 -14.12
C PRO B 135 8.62 0.67 -13.27
N ASP B 136 8.37 -0.62 -13.35
CA ASP B 136 7.25 -1.20 -12.63
C ASP B 136 7.58 -1.59 -11.21
N PHE B 137 7.92 -0.62 -10.36
CA PHE B 137 8.23 -1.00 -8.99
C PHE B 137 7.28 -0.50 -7.91
N GLU B 149 8.43 -3.92 -4.13
CA GLU B 149 8.30 -5.18 -4.93
C GLU B 149 7.48 -5.02 -6.21
N SER B 150 8.02 -5.51 -7.31
CA SER B 150 7.38 -5.48 -8.62
C SER B 150 6.95 -6.92 -8.89
N TRP B 151 6.20 -7.16 -9.97
CA TRP B 151 5.74 -8.51 -10.25
C TRP B 151 6.91 -9.42 -10.53
N TYR B 152 7.86 -8.92 -11.32
CA TYR B 152 9.05 -9.68 -11.70
C TYR B 152 10.02 -9.94 -10.56
N SER B 153 10.16 -8.99 -9.63
CA SER B 153 11.05 -9.22 -8.51
C SER B 153 10.49 -10.39 -7.68
N GLN B 154 9.15 -10.50 -7.67
CA GLN B 154 8.49 -11.59 -6.94
C GLN B 154 8.61 -12.87 -7.74
N PHE B 155 8.37 -12.76 -9.05
CA PHE B 155 8.48 -13.90 -9.95
C PHE B 155 9.92 -14.48 -9.86
N HIS B 156 10.92 -13.59 -9.84
CA HIS B 156 12.32 -14.02 -9.77
C HIS B 156 12.70 -14.77 -8.49
N GLN B 157 11.83 -14.74 -7.49
CA GLN B 157 12.08 -15.44 -6.22
C GLN B 157 11.78 -16.94 -6.38
N LEU B 158 11.08 -17.30 -7.46
CA LEU B 158 10.70 -18.68 -7.70
C LEU B 158 11.66 -19.49 -8.56
N ASP B 159 11.87 -20.74 -8.19
CA ASP B 159 12.72 -21.60 -9.00
C ASP B 159 12.05 -21.93 -10.32
N MET B 160 10.71 -21.88 -10.32
CA MET B 160 9.92 -22.14 -11.50
C MET B 160 10.23 -21.08 -12.53
N ALA B 161 10.48 -19.86 -12.06
CA ALA B 161 10.81 -18.75 -12.95
C ALA B 161 12.13 -19.03 -13.69
N VAL B 162 13.14 -19.49 -12.96
CA VAL B 162 14.44 -19.80 -13.54
C VAL B 162 14.29 -20.88 -14.61
N GLU B 163 13.58 -21.94 -14.27
CA GLU B 163 13.34 -23.07 -15.18
C GLU B 163 12.60 -22.67 -16.44
N VAL B 164 11.56 -21.87 -16.28
CA VAL B 164 10.79 -21.42 -17.41
C VAL B 164 11.56 -20.48 -18.33
N VAL B 165 12.08 -19.40 -17.78
CA VAL B 165 12.80 -18.39 -18.56
C VAL B 165 14.02 -18.99 -19.28
N GLY B 166 14.71 -19.92 -18.63
CA GLY B 166 15.88 -20.53 -19.24
C GLY B 166 15.58 -21.84 -19.96
N SER B 167 14.30 -22.15 -20.16
CA SER B 167 13.91 -23.39 -20.83
C SER B 167 14.33 -23.47 -22.31
N SER B 168 14.47 -22.33 -22.96
CA SER B 168 14.88 -22.28 -24.37
C SER B 168 15.23 -20.86 -24.77
N ARG B 169 15.92 -20.70 -25.89
CA ARG B 169 16.31 -19.38 -26.37
C ARG B 169 15.08 -18.55 -26.68
N GLU B 170 14.11 -19.18 -27.34
CA GLU B 170 12.88 -18.50 -27.73
C GLU B 170 12.14 -17.92 -26.52
N VAL B 171 12.04 -18.71 -25.45
CA VAL B 171 11.37 -18.25 -24.24
C VAL B 171 12.19 -17.14 -23.58
N CYS B 172 13.48 -17.39 -23.38
CA CYS B 172 14.39 -16.41 -22.78
C CYS B 172 14.35 -15.08 -23.57
N LYS B 173 14.37 -15.19 -24.90
CA LYS B 173 14.33 -14.02 -25.77
C LYS B 173 13.05 -13.21 -25.60
N LYS B 174 11.91 -13.92 -25.52
CA LYS B 174 10.61 -13.27 -25.36
C LYS B 174 10.52 -12.55 -24.03
N TYR B 175 10.97 -13.23 -22.97
CA TYR B 175 10.95 -12.68 -21.62
C TYR B 175 11.77 -11.38 -21.51
N PHE B 176 13.04 -11.44 -21.90
CA PHE B 176 13.91 -10.27 -21.81
C PHE B 176 13.57 -9.14 -22.77
N LYS B 177 13.08 -9.48 -23.96
CA LYS B 177 12.71 -8.46 -24.94
C LYS B 177 11.61 -7.56 -24.37
N HIS B 178 10.76 -8.15 -23.53
CA HIS B 178 9.71 -7.40 -22.89
C HIS B 178 10.27 -6.23 -22.08
N PHE B 179 11.25 -6.51 -21.22
CA PHE B 179 11.85 -5.47 -20.39
C PHE B 179 12.63 -4.46 -21.21
N PHE B 180 13.43 -4.93 -22.18
CA PHE B 180 14.19 -4.02 -23.03
C PHE B 180 13.26 -3.00 -23.68
N ASP B 181 12.17 -3.48 -24.27
CA ASP B 181 11.21 -2.60 -24.95
C ASP B 181 10.29 -1.82 -24.02
N HIS B 182 9.66 -2.53 -23.08
CA HIS B 182 8.75 -1.90 -22.15
C HIS B 182 9.41 -0.80 -21.31
N TRP B 183 10.70 -0.97 -20.98
CA TRP B 183 11.40 0.04 -20.18
C TRP B 183 12.03 1.16 -21.02
N SER B 184 11.86 1.09 -22.34
CA SER B 184 12.40 2.10 -23.24
C SER B 184 11.31 3.03 -23.71
N TYR B 185 11.71 4.19 -24.25
CA TYR B 185 10.73 5.14 -24.74
C TYR B 185 10.19 4.74 -26.10
N ARG B 186 11.06 4.31 -27.01
CA ARG B 186 10.62 3.90 -28.34
C ARG B 186 10.05 2.48 -28.32
N ASP B 187 9.41 2.09 -29.41
CA ASP B 187 8.80 0.78 -29.52
C ASP B 187 9.79 -0.36 -29.32
N GLU B 188 10.93 -0.30 -30.01
CA GLU B 188 11.93 -1.34 -29.86
C GLU B 188 13.30 -0.77 -29.56
N LEU B 189 13.88 -1.21 -28.44
CA LEU B 189 15.20 -0.75 -28.00
C LEU B 189 16.32 -1.34 -28.84
N LEU B 190 16.34 -2.66 -28.94
CA LEU B 190 17.38 -3.37 -29.65
C LEU B 190 17.01 -3.85 -31.04
N THR B 191 18.03 -4.07 -31.86
CA THR B 191 17.82 -4.59 -33.21
C THR B 191 17.80 -6.11 -33.00
N GLU B 192 17.38 -6.85 -34.02
CA GLU B 192 17.33 -8.30 -33.92
C GLU B 192 18.72 -8.78 -33.55
N GLU B 193 19.73 -8.26 -34.23
CA GLU B 193 21.10 -8.65 -33.97
C GLU B 193 21.50 -8.42 -32.50
N GLU B 194 21.20 -7.22 -32.00
CA GLU B 194 21.53 -6.85 -30.63
C GLU B 194 20.84 -7.73 -29.59
N LEU B 195 19.56 -8.01 -29.82
CA LEU B 195 18.81 -8.84 -28.89
C LEU B 195 19.38 -10.25 -28.78
N GLU B 196 19.86 -10.78 -29.91
CA GLU B 196 20.46 -12.11 -29.95
C GLU B 196 21.73 -12.15 -29.12
N VAL B 197 22.50 -11.05 -29.13
CA VAL B 197 23.73 -10.96 -28.34
C VAL B 197 23.36 -11.08 -26.86
N HIS B 198 22.27 -10.40 -26.47
CA HIS B 198 21.82 -10.47 -25.09
C HIS B 198 21.31 -11.87 -24.76
N VAL B 199 20.64 -12.50 -25.73
CA VAL B 199 20.13 -13.84 -25.50
C VAL B 199 21.31 -14.81 -25.33
N ASP B 200 22.37 -14.61 -26.12
CA ASP B 200 23.57 -15.45 -26.02
C ASP B 200 24.10 -15.41 -24.60
N ASN B 201 24.17 -14.20 -24.05
CA ASN B 201 24.65 -14.01 -22.69
C ASN B 201 23.70 -14.59 -21.65
N CYS B 202 22.40 -14.33 -21.83
CA CYS B 202 21.37 -14.81 -20.91
C CYS B 202 21.38 -16.33 -20.79
N MET B 203 21.56 -16.99 -21.92
CA MET B 203 21.59 -18.45 -21.98
C MET B 203 22.86 -19.12 -21.46
N LYS B 204 23.88 -18.33 -21.10
CA LYS B 204 25.09 -18.94 -20.58
C LYS B 204 24.73 -19.58 -19.26
N PRO B 205 25.40 -20.69 -18.91
CA PRO B 205 25.11 -21.39 -17.66
C PRO B 205 25.05 -20.47 -16.44
N ASP B 206 23.98 -20.61 -15.66
CA ASP B 206 23.75 -19.87 -14.43
C ASP B 206 23.48 -18.39 -14.52
N ASN B 207 23.42 -17.83 -15.73
CA ASN B 207 23.17 -16.39 -15.86
C ASN B 207 21.76 -15.95 -15.49
N ILE B 208 20.76 -16.74 -15.85
CA ILE B 208 19.36 -16.40 -15.54
C ILE B 208 19.23 -16.39 -14.02
N HIS B 209 19.62 -17.49 -13.40
CA HIS B 209 19.56 -17.65 -11.95
C HIS B 209 20.44 -16.62 -11.23
N GLY B 210 21.64 -16.38 -11.76
CA GLY B 210 22.53 -15.40 -11.14
C GLY B 210 21.88 -14.03 -11.05
N GLY B 211 21.25 -13.61 -12.14
CA GLY B 211 20.58 -12.32 -12.17
C GLY B 211 19.36 -12.29 -11.26
N PHE B 212 18.61 -13.40 -11.23
CA PHE B 212 17.42 -13.49 -10.38
C PHE B 212 17.85 -13.44 -8.92
N ASN B 213 19.05 -13.95 -8.62
CA ASN B 213 19.58 -13.91 -7.25
C ASN B 213 19.76 -12.49 -6.71
N TYR B 214 19.93 -11.52 -7.60
CA TYR B 214 20.06 -10.13 -7.17
C TYR B 214 18.74 -9.68 -6.56
N TYR B 215 17.63 -10.14 -7.12
CA TYR B 215 16.31 -9.82 -6.57
C TYR B 215 16.10 -10.61 -5.27
N ARG B 216 16.48 -11.88 -5.27
CA ARG B 216 16.32 -12.72 -4.08
C ARG B 216 17.13 -12.22 -2.89
N ALA B 217 18.37 -11.80 -3.14
CA ALA B 217 19.24 -11.32 -2.09
C ALA B 217 19.05 -9.86 -1.68
N ASN B 218 18.57 -9.02 -2.58
CA ASN B 218 18.44 -7.60 -2.26
C ASN B 218 17.08 -6.97 -2.27
N ILE B 219 16.22 -7.42 -3.18
CA ILE B 219 14.88 -6.88 -3.33
C ILE B 219 13.89 -7.83 -2.66
N ARG B 220 13.92 -7.82 -1.34
CA ARG B 220 13.07 -8.69 -0.57
C ARG B 220 12.69 -8.07 0.79
N PRO B 221 11.43 -8.30 1.24
CA PRO B 221 10.84 -7.82 2.50
C PRO B 221 11.71 -7.96 3.75
N ASP B 222 12.53 -9.00 3.82
CA ASP B 222 13.39 -9.23 4.98
C ASP B 222 14.88 -9.01 4.70
N ALA B 223 15.20 -8.44 3.56
CA ALA B 223 16.59 -8.18 3.19
C ALA B 223 17.07 -6.79 3.62
N ALA B 224 18.16 -6.76 4.39
CA ALA B 224 18.75 -5.49 4.84
C ALA B 224 19.57 -4.93 3.69
N LEU B 225 18.91 -4.19 2.80
CA LEU B 225 19.56 -3.60 1.64
C LEU B 225 20.52 -2.48 2.03
N TRP B 226 20.06 -1.60 2.91
CA TRP B 226 20.85 -0.48 3.36
C TRP B 226 21.59 -0.72 4.67
N THR B 227 22.85 -0.31 4.69
CA THR B 227 23.70 -0.42 5.87
C THR B 227 23.69 0.94 6.58
N ASP B 228 24.26 0.98 7.78
CA ASP B 228 24.31 2.22 8.55
C ASP B 228 25.10 3.25 7.77
N LEU B 229 26.18 2.81 7.14
CA LEU B 229 27.03 3.68 6.36
C LEU B 229 26.28 4.25 5.15
N ASP B 230 25.35 3.48 4.60
CA ASP B 230 24.57 3.94 3.45
C ASP B 230 23.68 5.13 3.78
N HIS B 231 23.41 5.33 5.07
CA HIS B 231 22.57 6.45 5.50
C HIS B 231 23.33 7.76 5.69
N THR B 232 24.65 7.71 5.60
CA THR B 232 25.47 8.90 5.77
C THR B 232 25.45 9.82 4.54
N MET B 233 25.76 11.08 4.77
CA MET B 233 25.82 12.10 3.73
C MET B 233 27.10 11.93 2.90
N SER B 234 27.03 12.28 1.62
CA SER B 234 28.20 12.21 0.75
C SER B 234 28.40 13.55 0.06
N ASP B 235 29.60 14.11 0.20
CA ASP B 235 29.96 15.42 -0.39
C ASP B 235 30.49 15.28 -1.80
N LEU B 236 30.66 14.04 -2.22
CA LEU B 236 31.18 13.71 -3.52
C LEU B 236 30.26 14.17 -4.64
N PRO B 237 30.82 14.74 -5.72
CA PRO B 237 29.96 15.20 -6.82
C PRO B 237 29.35 14.01 -7.58
N VAL B 238 28.01 13.93 -7.56
CA VAL B 238 27.28 12.84 -8.22
C VAL B 238 26.26 13.36 -9.23
N THR B 239 26.42 12.95 -10.49
CA THR B 239 25.53 13.36 -11.58
C THR B 239 24.44 12.29 -11.72
N MET B 240 23.20 12.67 -11.47
CA MET B 240 22.10 11.71 -11.58
C MET B 240 21.32 12.00 -12.84
N ILE B 241 21.10 10.97 -13.64
CA ILE B 241 20.38 11.13 -14.90
C ILE B 241 19.43 9.96 -15.15
N TRP B 242 18.25 10.26 -15.65
CA TRP B 242 17.30 9.21 -15.95
C TRP B 242 16.36 9.54 -17.10
N GLY B 243 15.86 8.51 -17.79
CA GLY B 243 14.95 8.72 -18.89
C GLY B 243 13.58 9.13 -18.34
N LEU B 244 12.91 10.04 -19.03
CA LEU B 244 11.58 10.51 -18.61
C LEU B 244 10.57 9.36 -18.55
N GLY B 245 10.61 8.47 -19.54
CA GLY B 245 9.71 7.34 -19.58
C GLY B 245 8.28 7.67 -19.98
N ASP B 246 7.31 7.04 -19.29
CA ASP B 246 5.88 7.23 -19.56
C ASP B 246 5.10 7.88 -18.43
N THR B 247 5.78 8.34 -17.40
CA THR B 247 5.08 8.94 -16.25
C THR B 247 6.00 9.91 -15.50
N CYS B 248 5.82 9.95 -14.17
CA CYS B 248 6.71 10.74 -13.28
C CYS B 248 6.66 10.25 -11.81
N VAL B 249 5.97 9.14 -11.60
CA VAL B 249 5.71 8.59 -10.26
C VAL B 249 6.95 7.83 -9.67
N PRO B 250 7.59 6.85 -10.37
CA PRO B 250 8.74 6.11 -9.82
C PRO B 250 9.94 6.96 -9.47
N TYR B 251 9.99 8.19 -9.96
CA TYR B 251 11.15 9.01 -9.64
C TYR B 251 10.82 10.12 -8.67
N ALA B 252 9.54 10.33 -8.41
CA ALA B 252 9.10 11.38 -7.50
C ALA B 252 9.79 11.29 -6.14
N PRO B 253 9.82 10.08 -5.53
CA PRO B 253 10.48 9.93 -4.22
C PRO B 253 11.99 10.14 -4.27
N LEU B 254 12.61 9.75 -5.38
CA LEU B 254 14.06 9.90 -5.54
C LEU B 254 14.41 11.37 -5.40
N ILE B 255 13.72 12.21 -6.15
CA ILE B 255 13.94 13.64 -6.12
C ILE B 255 13.85 14.19 -4.68
N GLU B 256 12.94 13.61 -3.91
CA GLU B 256 12.71 13.99 -2.52
C GLU B 256 13.81 13.54 -1.57
N PHE B 257 14.21 12.29 -1.72
CA PHE B 257 15.21 11.71 -0.84
C PHE B 257 16.69 11.95 -1.10
N VAL B 258 17.04 12.30 -2.32
CA VAL B 258 18.44 12.55 -2.65
C VAL B 258 19.18 13.58 -1.77
N PRO B 259 18.62 14.80 -1.60
CA PRO B 259 19.29 15.82 -0.78
C PRO B 259 19.56 15.44 0.67
N LYS B 260 18.91 14.38 1.14
CA LYS B 260 19.11 13.92 2.52
C LYS B 260 20.37 13.07 2.62
N TYR B 261 20.89 12.63 1.47
CA TYR B 261 22.09 11.79 1.45
C TYR B 261 23.22 12.33 0.57
N TYR B 262 22.90 13.30 -0.27
CA TYR B 262 23.88 13.90 -1.17
C TYR B 262 23.85 15.43 -1.05
N SER B 263 25.03 16.02 -0.85
CA SER B 263 25.12 17.48 -0.72
C SER B 263 25.64 18.13 -1.98
N ASN B 264 26.28 17.32 -2.83
CA ASN B 264 26.87 17.81 -4.07
C ASN B 264 26.40 16.92 -5.21
N TYR B 265 25.28 17.29 -5.84
CA TYR B 265 24.73 16.48 -6.92
C TYR B 265 23.91 17.32 -7.89
N THR B 266 23.52 16.71 -9.00
CA THR B 266 22.68 17.34 -10.01
C THR B 266 21.73 16.24 -10.52
N MET B 267 20.57 16.64 -10.99
CA MET B 267 19.59 15.71 -11.51
C MET B 267 19.16 16.17 -12.89
N GLU B 268 18.91 15.23 -13.78
CA GLU B 268 18.46 15.57 -15.12
C GLU B 268 17.67 14.42 -15.71
N THR B 269 16.54 14.76 -16.33
CA THR B 269 15.69 13.78 -16.99
C THR B 269 15.87 13.99 -18.49
N ILE B 270 16.00 12.88 -19.21
CA ILE B 270 16.19 12.92 -20.66
C ILE B 270 14.85 12.62 -21.33
N GLU B 271 14.38 13.56 -22.11
CA GLU B 271 13.10 13.43 -22.83
C GLU B 271 13.25 12.41 -23.96
N ASP B 272 12.16 11.70 -24.21
CA ASP B 272 12.14 10.71 -25.29
C ASP B 272 13.15 9.60 -25.06
N CYS B 273 13.37 9.26 -23.80
CA CYS B 273 14.33 8.23 -23.47
C CYS B 273 13.86 7.41 -22.30
N GLY B 274 14.12 6.11 -22.37
CA GLY B 274 13.72 5.20 -21.32
C GLY B 274 14.81 4.88 -20.31
N HIS B 275 14.75 3.65 -19.80
CA HIS B 275 15.67 3.14 -18.79
C HIS B 275 17.11 2.84 -19.23
N PHE B 276 17.34 2.75 -20.54
CA PHE B 276 18.68 2.45 -21.04
C PHE B 276 19.28 3.64 -21.79
N LEU B 277 19.74 4.64 -21.05
CA LEU B 277 20.31 5.85 -21.65
C LEU B 277 21.45 5.54 -22.60
N MET B 278 22.39 4.70 -22.16
CA MET B 278 23.54 4.35 -22.99
C MET B 278 23.19 3.57 -24.25
N VAL B 279 21.96 3.03 -24.31
CA VAL B 279 21.53 2.25 -25.48
C VAL B 279 20.57 3.04 -26.37
N GLU B 280 19.62 3.75 -25.75
CA GLU B 280 18.64 4.51 -26.50
C GLU B 280 19.14 5.88 -26.92
N LYS B 281 19.90 6.54 -26.04
CA LYS B 281 20.46 7.86 -26.34
C LYS B 281 21.96 7.86 -26.05
N PRO B 282 22.74 7.06 -26.80
CA PRO B 282 24.20 6.95 -26.63
C PRO B 282 24.93 8.29 -26.59
N GLU B 283 24.68 9.13 -27.59
CA GLU B 283 25.32 10.43 -27.71
C GLU B 283 25.08 11.33 -26.50
N ILE B 284 23.89 11.23 -25.90
CA ILE B 284 23.55 12.01 -24.71
C ILE B 284 24.35 11.48 -23.51
N ALA B 285 24.46 10.16 -23.42
CA ALA B 285 25.21 9.52 -22.33
C ALA B 285 26.66 9.96 -22.41
N ILE B 286 27.24 9.89 -23.61
CA ILE B 286 28.63 10.28 -23.84
C ILE B 286 28.82 11.74 -23.46
N ASP B 287 27.93 12.59 -23.98
CA ASP B 287 28.00 14.00 -23.71
C ASP B 287 27.95 14.34 -22.23
N ARG B 288 26.95 13.81 -21.52
CA ARG B 288 26.78 14.06 -20.09
C ARG B 288 27.96 13.60 -19.24
N ILE B 289 28.56 12.48 -19.60
CA ILE B 289 29.71 11.95 -18.88
C ILE B 289 30.94 12.85 -19.07
N LYS B 290 31.21 13.23 -20.31
CA LYS B 290 32.35 14.10 -20.63
C LYS B 290 32.25 15.44 -19.90
N THR B 291 31.04 15.99 -19.84
CA THR B 291 30.81 17.27 -19.17
C THR B 291 30.95 17.15 -17.66
N ALA B 292 30.43 16.07 -17.09
CA ALA B 292 30.51 15.88 -15.64
C ALA B 292 31.93 15.55 -15.19
N PHE B 293 32.54 14.57 -15.85
CA PHE B 293 33.88 14.09 -15.49
C PHE B 293 35.07 14.88 -16.05
N ARG B 294 35.18 16.13 -15.64
CA ARG B 294 36.25 17.04 -16.08
C ARG B 294 36.53 18.07 -14.98
N ALA C 2 -9.17 -0.06 44.69
CA ALA C 2 -8.02 -0.13 45.64
C ALA C 2 -6.70 -0.04 44.88
N ILE C 3 -6.54 1.04 44.11
CA ILE C 3 -5.34 1.22 43.29
C ILE C 3 -4.17 1.85 44.03
N ARG C 4 -2.98 1.75 43.45
CA ARG C 4 -1.80 2.38 44.01
C ARG C 4 -1.54 3.59 43.14
N ARG C 5 -1.82 4.76 43.69
CA ARG C 5 -1.61 6.01 42.99
C ARG C 5 -0.10 6.28 42.90
N PRO C 6 0.31 7.17 41.98
CA PRO C 6 1.74 7.50 41.81
C PRO C 6 2.52 7.78 43.10
N GLU C 7 1.94 8.62 43.96
CA GLU C 7 2.55 9.03 45.22
C GLU C 7 2.77 7.88 46.20
N ASP C 8 2.16 6.74 45.90
CA ASP C 8 2.27 5.59 46.77
C ASP C 8 3.51 4.74 46.48
N PHE C 9 4.42 5.29 45.66
CA PHE C 9 5.65 4.60 45.30
C PHE C 9 6.84 5.45 45.69
N LYS C 10 8.01 4.82 45.80
CA LYS C 10 9.23 5.54 46.14
C LYS C 10 9.84 6.00 44.82
N HIS C 11 9.98 7.30 44.68
CA HIS C 11 10.51 7.92 43.48
C HIS C 11 11.98 8.33 43.56
N TYR C 12 12.61 8.38 42.40
CA TYR C 12 14.02 8.73 42.30
C TYR C 12 14.29 9.43 41.00
N GLU C 13 15.39 10.18 40.99
CA GLU C 13 15.85 10.92 39.82
C GLU C 13 17.31 10.56 39.65
N VAL C 14 17.78 10.55 38.41
CA VAL C 14 19.17 10.25 38.17
C VAL C 14 19.65 11.02 36.96
N GLN C 15 20.75 11.75 37.13
CA GLN C 15 21.32 12.53 36.05
C GLN C 15 22.23 11.62 35.26
N LEU C 16 21.74 11.18 34.11
CA LEU C 16 22.52 10.32 33.23
C LEU C 16 23.31 11.26 32.33
N PRO C 17 24.24 10.73 31.53
CA PRO C 17 25.01 11.63 30.66
C PRO C 17 24.17 12.55 29.76
N ASP C 18 23.31 11.96 28.96
CA ASP C 18 22.47 12.71 28.02
C ASP C 18 21.23 13.39 28.60
N VAL C 19 20.63 12.76 29.60
CA VAL C 19 19.39 13.25 30.19
C VAL C 19 19.22 12.89 31.66
N LYS C 20 18.21 13.52 32.24
CA LYS C 20 17.82 13.29 33.63
C LYS C 20 16.62 12.33 33.56
N ILE C 21 16.74 11.18 34.22
CA ILE C 21 15.71 10.16 34.21
C ILE C 21 15.03 9.94 35.57
N HIS C 22 13.69 9.93 35.56
CA HIS C 22 12.91 9.68 36.76
C HIS C 22 12.53 8.20 36.72
N TYR C 23 12.53 7.56 37.89
CA TYR C 23 12.15 6.16 37.99
C TYR C 23 11.61 5.86 39.37
N VAL C 24 10.91 4.74 39.44
CA VAL C 24 10.32 4.25 40.66
C VAL C 24 11.03 2.93 40.89
N ARG C 25 11.19 2.57 42.17
CA ARG C 25 11.89 1.35 42.51
C ARG C 25 11.40 0.82 43.85
N GLU C 26 11.41 -0.51 43.95
CA GLU C 26 11.04 -1.21 45.19
C GLU C 26 11.23 -2.70 45.01
N GLY C 27 11.34 -3.42 46.13
CA GLY C 27 11.52 -4.85 46.08
C GLY C 27 12.94 -5.32 46.34
N ALA C 28 13.13 -6.64 46.32
CA ALA C 28 14.45 -7.20 46.54
C ALA C 28 14.61 -8.47 45.74
N GLY C 29 15.84 -8.72 45.30
CA GLY C 29 16.15 -9.91 44.52
C GLY C 29 16.82 -9.46 43.24
N PRO C 30 16.84 -10.31 42.21
CA PRO C 30 17.47 -9.89 40.95
C PRO C 30 16.72 -8.69 40.36
N THR C 31 17.43 -7.81 39.66
CA THR C 31 16.80 -6.62 39.11
C THR C 31 15.86 -6.88 37.92
N LEU C 32 14.72 -6.20 37.97
CA LEU C 32 13.69 -6.31 36.94
C LEU C 32 13.41 -4.93 36.38
N LEU C 33 13.82 -4.70 35.13
CA LEU C 33 13.58 -3.41 34.49
C LEU C 33 12.28 -3.48 33.69
N LEU C 34 11.30 -2.68 34.08
CA LEU C 34 9.99 -2.63 33.39
C LEU C 34 9.91 -1.35 32.56
N LEU C 35 9.79 -1.50 31.25
CA LEU C 35 9.73 -0.35 30.35
C LEU C 35 8.39 -0.15 29.66
N HIS C 36 7.81 1.05 29.84
CA HIS C 36 6.54 1.41 29.25
C HIS C 36 6.70 1.87 27.78
N GLY C 37 5.57 2.16 27.14
CA GLY C 37 5.60 2.65 25.77
C GLY C 37 4.62 3.81 25.69
N TRP C 38 3.96 3.98 24.54
CA TRP C 38 2.97 5.07 24.33
C TRP C 38 1.57 4.49 24.10
N PRO C 39 0.53 5.09 24.71
CA PRO C 39 0.58 6.26 25.58
C PRO C 39 0.86 5.82 27.01
N GLY C 40 1.18 6.77 27.88
CA GLY C 40 1.45 6.40 29.25
C GLY C 40 2.80 6.83 29.80
N PHE C 41 3.20 6.14 30.86
CA PHE C 41 4.45 6.39 31.56
C PHE C 41 4.67 5.22 32.51
N TRP C 42 5.64 5.34 33.42
CA TRP C 42 5.98 4.24 34.34
C TRP C 42 4.78 3.65 35.10
N TRP C 43 3.82 4.51 35.43
CA TRP C 43 2.65 4.12 36.21
C TRP C 43 1.73 3.03 35.63
N GLU C 44 1.84 2.76 34.32
CA GLU C 44 1.03 1.70 33.72
C GLU C 44 1.40 0.34 34.33
N TRP C 45 2.56 0.27 34.98
CA TRP C 45 3.02 -0.95 35.62
C TRP C 45 2.57 -1.03 37.08
N SER C 46 1.91 0.03 37.57
CA SER C 46 1.47 0.12 38.97
C SER C 46 0.77 -1.08 39.62
N LYS C 47 0.01 -1.84 38.84
CA LYS C 47 -0.71 -2.99 39.37
C LYS C 47 0.18 -4.21 39.56
N VAL C 48 1.26 -4.29 38.79
CA VAL C 48 2.15 -5.45 38.85
C VAL C 48 3.47 -5.24 39.59
N ILE C 49 3.80 -3.98 39.91
CA ILE C 49 5.06 -3.68 40.61
C ILE C 49 5.13 -4.32 41.98
N GLY C 50 4.11 -4.07 42.80
CA GLY C 50 4.07 -4.61 44.16
C GLY C 50 4.26 -6.10 44.22
N PRO C 51 3.42 -6.89 43.51
CA PRO C 51 3.54 -8.35 43.50
C PRO C 51 4.92 -8.84 43.04
N LEU C 52 5.44 -8.26 41.95
CA LEU C 52 6.76 -8.66 41.44
C LEU C 52 7.89 -8.24 42.39
N ALA C 53 7.65 -7.19 43.19
CA ALA C 53 8.63 -6.67 44.15
C ALA C 53 8.92 -7.67 45.27
N GLU C 54 8.10 -8.71 45.37
CA GLU C 54 8.26 -9.76 46.37
C GLU C 54 9.36 -10.72 45.95
N HIS C 55 9.72 -10.68 44.68
CA HIS C 55 10.74 -11.59 44.16
C HIS C 55 11.88 -10.88 43.42
N TYR C 56 11.66 -9.62 43.08
CA TYR C 56 12.65 -8.86 42.33
C TYR C 56 12.83 -7.42 42.85
N ASP C 57 14.00 -6.90 42.53
CA ASP C 57 14.33 -5.48 42.74
C ASP C 57 13.70 -4.81 41.53
N VAL C 58 12.45 -4.38 41.67
CA VAL C 58 11.83 -3.77 40.43
C VAL C 58 12.20 -2.31 40.21
N ILE C 59 12.58 -2.00 38.98
CA ILE C 59 12.94 -0.64 38.59
C ILE C 59 12.07 -0.27 37.39
N VAL C 60 11.33 0.83 37.53
CA VAL C 60 10.42 1.29 36.49
C VAL C 60 10.68 2.75 36.11
N PRO C 61 11.44 2.98 35.03
CA PRO C 61 11.73 4.36 34.61
C PRO C 61 10.76 4.93 33.61
N ASP C 62 10.80 6.25 33.51
CA ASP C 62 10.03 6.96 32.51
C ASP C 62 11.06 7.08 31.39
N LEU C 63 10.67 6.75 30.16
CA LEU C 63 11.61 6.89 29.05
C LEU C 63 11.79 8.40 28.90
N ARG C 64 12.94 8.82 28.36
CA ARG C 64 13.16 10.24 28.14
C ARG C 64 11.98 10.72 27.28
N GLY C 65 11.48 11.93 27.56
CA GLY C 65 10.37 12.44 26.78
C GLY C 65 9.02 12.06 27.34
N PHE C 66 9.02 11.31 28.44
CA PHE C 66 7.81 10.83 29.09
C PHE C 66 7.82 11.07 30.61
N GLY C 67 6.61 11.10 31.18
CA GLY C 67 6.45 11.28 32.62
C GLY C 67 7.23 12.42 33.23
N ASP C 68 8.03 12.09 34.24
CA ASP C 68 8.86 13.06 34.95
C ASP C 68 10.32 13.02 34.48
N SER C 69 10.60 12.22 33.44
CA SER C 69 11.93 12.18 32.90
C SER C 69 12.05 13.45 32.06
N GLU C 70 13.29 13.87 31.85
CA GLU C 70 13.55 15.07 31.08
C GLU C 70 13.04 14.95 29.65
N LYS C 71 12.63 16.08 29.09
CA LYS C 71 12.18 16.14 27.70
C LYS C 71 13.29 16.90 26.97
N PRO C 72 14.19 16.17 26.28
CA PRO C 72 15.29 16.84 25.54
C PRO C 72 14.74 17.85 24.57
N ASP C 73 15.63 18.71 24.04
CA ASP C 73 15.27 19.75 23.08
C ASP C 73 14.18 19.21 22.15
N LEU C 74 12.94 19.68 22.35
CA LEU C 74 11.81 19.23 21.57
C LEU C 74 11.94 19.37 20.08
N ASN C 75 12.88 20.20 19.64
CA ASN C 75 13.09 20.40 18.22
C ASN C 75 14.15 19.46 17.67
N ASP C 76 14.98 18.93 18.56
CA ASP C 76 16.05 18.02 18.18
C ASP C 76 15.58 16.56 18.21
N LEU C 77 15.14 16.05 17.07
CA LEU C 77 14.65 14.68 16.98
C LEU C 77 15.70 13.62 17.23
N SER C 78 16.98 13.97 17.05
CA SER C 78 18.07 13.01 17.28
C SER C 78 18.09 12.60 18.74
N LYS C 79 17.52 13.44 19.60
CA LYS C 79 17.47 13.13 21.03
C LYS C 79 16.23 12.33 21.42
N TYR C 80 15.45 11.94 20.42
CA TYR C 80 14.22 11.17 20.61
C TYR C 80 14.23 9.81 19.90
N SER C 81 15.40 9.38 19.47
CA SER C 81 15.52 8.10 18.80
C SER C 81 15.43 7.00 19.84
N LEU C 82 14.90 5.85 19.44
CA LEU C 82 14.79 4.70 20.33
C LEU C 82 16.16 4.19 20.70
N ASP C 83 17.16 4.54 19.87
CA ASP C 83 18.55 4.16 20.12
C ASP C 83 19.03 4.81 21.42
N LYS C 84 18.68 6.08 21.59
CA LYS C 84 19.04 6.80 22.81
C LYS C 84 18.34 6.20 24.03
N ALA C 85 17.05 5.88 23.88
CA ALA C 85 16.29 5.29 24.98
C ALA C 85 16.92 3.98 25.44
N ALA C 86 17.50 3.23 24.50
CA ALA C 86 18.17 1.97 24.85
C ALA C 86 19.47 2.26 25.61
N ASP C 87 20.18 3.32 25.20
CA ASP C 87 21.43 3.73 25.85
C ASP C 87 21.15 4.19 27.27
N ASP C 88 20.03 4.91 27.43
CA ASP C 88 19.59 5.41 28.74
C ASP C 88 19.41 4.26 29.73
N GLN C 89 19.02 3.09 29.23
CA GLN C 89 18.80 1.94 30.11
C GLN C 89 20.12 1.38 30.62
N ALA C 90 21.12 1.34 29.74
CA ALA C 90 22.45 0.87 30.13
C ALA C 90 23.05 1.86 31.13
N ALA C 91 22.86 3.14 30.85
CA ALA C 91 23.36 4.21 31.72
C ALA C 91 22.69 4.14 33.08
N LEU C 92 21.39 3.83 33.10
CA LEU C 92 20.65 3.71 34.36
C LEU C 92 21.26 2.60 35.19
N LEU C 93 21.52 1.45 34.56
CA LEU C 93 22.09 0.30 35.28
C LEU C 93 23.46 0.63 35.84
N ASP C 94 24.26 1.35 35.05
CA ASP C 94 25.61 1.77 35.49
C ASP C 94 25.47 2.67 36.71
N ALA C 95 24.59 3.65 36.60
CA ALA C 95 24.31 4.62 37.67
C ALA C 95 23.93 3.94 38.99
N LEU C 96 23.16 2.86 38.90
CA LEU C 96 22.72 2.16 40.11
C LEU C 96 23.68 1.05 40.51
N GLY C 97 24.74 0.86 39.72
CA GLY C 97 25.73 -0.18 40.01
C GLY C 97 25.24 -1.60 39.78
N ILE C 98 24.35 -1.75 38.81
CA ILE C 98 23.77 -3.06 38.48
C ILE C 98 24.44 -3.64 37.24
N GLU C 99 24.98 -4.84 37.37
CA GLU C 99 25.63 -5.46 36.21
C GLU C 99 24.70 -6.11 35.19
N LYS C 100 23.76 -6.92 35.67
CA LYS C 100 22.80 -7.62 34.81
C LYS C 100 21.37 -7.47 35.36
N ALA C 101 20.38 -7.57 34.48
CA ALA C 101 18.99 -7.45 34.90
C ALA C 101 18.03 -8.11 33.94
N TYR C 102 16.85 -8.42 34.46
CA TYR C 102 15.77 -8.97 33.66
C TYR C 102 15.11 -7.73 33.10
N VAL C 103 14.76 -7.74 31.82
CA VAL C 103 14.14 -6.58 31.23
C VAL C 103 12.82 -6.94 30.57
N VAL C 104 11.81 -6.09 30.74
CA VAL C 104 10.52 -6.28 30.11
C VAL C 104 10.20 -5.01 29.35
N GLY C 105 9.95 -5.13 28.05
CA GLY C 105 9.64 -3.97 27.23
C GLY C 105 8.27 -4.05 26.58
N HIS C 106 7.48 -2.99 26.75
CA HIS C 106 6.15 -2.91 26.21
C HIS C 106 6.03 -1.85 25.10
N ASP C 107 5.31 -2.18 24.02
CA ASP C 107 5.06 -1.20 22.96
C ASP C 107 6.39 -0.66 22.41
N PHE C 108 6.57 0.66 22.37
CA PHE C 108 7.82 1.28 21.89
C PHE C 108 9.05 0.67 22.54
N ALA C 109 8.94 0.37 23.83
CA ALA C 109 10.04 -0.21 24.58
C ALA C 109 10.43 -1.62 24.15
N ALA C 110 9.62 -2.24 23.30
CA ALA C 110 9.94 -3.58 22.80
C ALA C 110 11.06 -3.37 21.79
N ILE C 111 10.98 -2.26 21.06
CA ILE C 111 12.01 -1.89 20.08
C ILE C 111 13.28 -1.50 20.83
N VAL C 112 13.10 -0.77 21.93
CA VAL C 112 14.22 -0.34 22.76
C VAL C 112 14.92 -1.59 23.29
N LEU C 113 14.13 -2.59 23.69
CA LEU C 113 14.65 -3.83 24.22
C LEU C 113 15.41 -4.62 23.15
N HIS C 114 14.83 -4.69 21.96
CA HIS C 114 15.47 -5.39 20.85
C HIS C 114 16.86 -4.81 20.63
N LYS C 115 16.95 -3.49 20.66
CA LYS C 115 18.21 -2.77 20.50
C LYS C 115 19.12 -3.05 21.68
N PHE C 116 18.58 -2.85 22.88
CA PHE C 116 19.32 -3.07 24.11
C PHE C 116 19.96 -4.43 24.28
N ILE C 117 19.24 -5.51 23.94
CA ILE C 117 19.80 -6.84 24.14
C ILE C 117 20.94 -7.20 23.21
N ARG C 118 21.05 -6.47 22.10
CA ARG C 118 22.12 -6.69 21.13
C ARG C 118 23.31 -5.80 21.42
N LYS C 119 23.05 -4.56 21.81
CA LYS C 119 24.12 -3.62 22.12
C LYS C 119 24.68 -3.78 23.53
N TYR C 120 23.85 -4.25 24.45
CA TYR C 120 24.29 -4.47 25.82
C TYR C 120 23.90 -5.88 26.27
N SER C 121 24.24 -6.86 25.43
CA SER C 121 23.91 -8.26 25.69
C SER C 121 24.39 -8.79 27.04
N ASP C 122 25.52 -8.25 27.52
CA ASP C 122 26.08 -8.66 28.81
C ASP C 122 25.37 -8.04 30.02
N ARG C 123 24.40 -7.16 29.75
CA ARG C 123 23.67 -6.50 30.83
C ARG C 123 22.30 -7.12 31.08
N VAL C 124 21.94 -8.13 30.30
CA VAL C 124 20.63 -8.76 30.44
C VAL C 124 20.67 -10.24 30.76
N ILE C 125 19.86 -10.66 31.74
CA ILE C 125 19.76 -12.07 32.14
C ILE C 125 18.78 -12.73 31.16
N LYS C 126 17.53 -12.26 31.16
CA LYS C 126 16.47 -12.73 30.24
C LYS C 126 15.60 -11.53 29.91
N ALA C 127 14.87 -11.60 28.81
CA ALA C 127 14.03 -10.49 28.39
C ALA C 127 12.62 -10.94 28.04
N ALA C 128 11.69 -9.98 28.02
CA ALA C 128 10.31 -10.24 27.67
C ALA C 128 9.77 -9.02 26.95
N ILE C 129 9.06 -9.28 25.85
CA ILE C 129 8.44 -8.27 25.02
C ILE C 129 6.92 -8.36 25.20
N PHE C 130 6.29 -7.25 25.54
CA PHE C 130 4.83 -7.20 25.70
C PHE C 130 4.27 -6.29 24.62
N ASP C 131 3.30 -6.82 23.87
CA ASP C 131 2.61 -6.06 22.82
C ASP C 131 3.44 -5.01 22.05
N PRO C 132 4.42 -5.47 21.26
CA PRO C 132 5.28 -4.57 20.49
C PRO C 132 4.59 -3.81 19.39
N ILE C 133 3.47 -4.34 18.89
CA ILE C 133 2.78 -3.69 17.79
C ILE C 133 1.48 -2.99 18.18
N GLN C 134 1.34 -1.73 17.76
CA GLN C 134 0.13 -0.97 18.02
C GLN C 134 -0.95 -1.33 16.99
N PRO C 135 -2.20 -1.47 17.45
CA PRO C 135 -3.34 -1.95 16.66
C PRO C 135 -3.54 -1.47 15.21
N ASP C 136 -3.78 -0.17 15.01
CA ASP C 136 -4.16 0.33 13.68
C ASP C 136 -2.94 0.76 12.86
N PHE C 137 -1.85 -0.01 12.92
CA PHE C 137 -0.64 0.33 12.18
C PHE C 137 -0.49 -0.39 10.85
N GLU C 149 2.77 4.00 9.49
CA GLU C 149 1.80 4.74 8.62
C GLU C 149 0.38 4.83 9.20
N SER C 150 0.24 4.77 10.52
CA SER C 150 -1.09 4.89 11.12
C SER C 150 -1.56 6.36 11.02
N TRP C 151 -2.86 6.60 11.18
CA TRP C 151 -3.39 7.95 11.10
C TRP C 151 -2.79 8.82 12.19
N TYR C 152 -2.66 8.25 13.40
CA TYR C 152 -2.13 9.01 14.52
C TYR C 152 -0.64 9.29 14.44
N SER C 153 0.16 8.36 13.93
CA SER C 153 1.59 8.60 13.82
C SER C 153 1.80 9.79 12.88
N GLN C 154 0.93 9.92 11.90
CA GLN C 154 0.99 11.03 10.93
C GLN C 154 0.50 12.30 11.57
N PHE C 155 -0.57 12.15 12.35
CA PHE C 155 -1.16 13.27 13.06
C PHE C 155 -0.14 13.86 14.04
N HIS C 156 0.60 12.98 14.72
CA HIS C 156 1.61 13.37 15.70
C HIS C 156 2.81 14.11 15.10
N GLN C 157 2.91 14.10 13.77
CA GLN C 157 3.99 14.78 13.06
C GLN C 157 3.71 16.28 13.01
N LEU C 158 2.45 16.65 13.26
CA LEU C 158 2.02 18.04 13.18
C LEU C 158 2.07 18.81 14.49
N ASP C 159 2.48 20.08 14.41
CA ASP C 159 2.53 20.92 15.61
C ASP C 159 1.10 21.25 16.04
N MET C 160 0.19 21.26 15.06
CA MET C 160 -1.22 21.54 15.30
C MET C 160 -1.78 20.48 16.26
N ALA C 161 -1.32 19.24 16.07
CA ALA C 161 -1.75 18.12 16.91
C ALA C 161 -1.34 18.33 18.36
N VAL C 162 -0.11 18.82 18.56
CA VAL C 162 0.40 19.07 19.90
C VAL C 162 -0.47 20.13 20.57
N GLU C 163 -0.70 21.23 19.86
CA GLU C 163 -1.51 22.33 20.38
C GLU C 163 -2.94 21.93 20.67
N VAL C 164 -3.55 21.17 19.76
CA VAL C 164 -4.92 20.71 19.95
C VAL C 164 -5.05 19.76 21.14
N VAL C 165 -4.28 18.67 21.11
CA VAL C 165 -4.35 17.67 22.17
C VAL C 165 -4.04 18.20 23.56
N GLY C 166 -3.12 19.15 23.65
CA GLY C 166 -2.77 19.70 24.95
C GLY C 166 -3.52 20.99 25.29
N SER C 167 -4.53 21.34 24.49
CA SER C 167 -5.29 22.58 24.71
C SER C 167 -6.07 22.66 26.03
N SER C 168 -6.40 21.51 26.61
CA SER C 168 -7.12 21.47 27.88
C SER C 168 -7.17 20.03 28.37
N ARG C 169 -7.38 19.84 29.68
CA ARG C 169 -7.48 18.49 30.23
C ARG C 169 -8.55 17.71 29.50
N GLU C 170 -9.68 18.36 29.27
CA GLU C 170 -10.84 17.77 28.60
C GLU C 170 -10.47 17.13 27.27
N VAL C 171 -9.90 17.92 26.37
CA VAL C 171 -9.49 17.43 25.06
C VAL C 171 -8.45 16.30 25.19
N CYS C 172 -7.45 16.53 26.05
CA CYS C 172 -6.39 15.55 26.26
C CYS C 172 -6.99 14.23 26.74
N LYS C 173 -7.93 14.32 27.68
CA LYS C 173 -8.61 13.15 28.23
C LYS C 173 -9.35 12.33 27.19
N LYS C 174 -10.07 12.99 26.30
CA LYS C 174 -10.82 12.30 25.24
C LYS C 174 -9.87 11.67 24.22
N TYR C 175 -8.80 12.40 23.90
CA TYR C 175 -7.83 11.90 22.93
C TYR C 175 -7.18 10.62 23.43
N PHE C 176 -6.60 10.66 24.62
CA PHE C 176 -5.94 9.48 25.16
C PHE C 176 -6.88 8.33 25.56
N LYS C 177 -8.07 8.68 26.04
CA LYS C 177 -9.05 7.68 26.42
C LYS C 177 -9.35 6.79 25.21
N HIS C 178 -9.38 7.41 24.03
CA HIS C 178 -9.64 6.67 22.80
C HIS C 178 -8.63 5.52 22.62
N PHE C 179 -7.35 5.80 22.82
CA PHE C 179 -6.33 4.77 22.65
C PHE C 179 -6.36 3.70 23.72
N PHE C 180 -6.57 4.12 24.97
CA PHE C 180 -6.64 3.17 26.09
C PHE C 180 -7.78 2.17 25.88
N ASP C 181 -8.92 2.67 25.45
CA ASP C 181 -10.09 1.83 25.21
C ASP C 181 -10.05 1.08 23.88
N HIS C 182 -9.84 1.80 22.79
CA HIS C 182 -9.79 1.17 21.48
C HIS C 182 -8.73 0.07 21.35
N TRP C 183 -7.62 0.20 22.08
CA TRP C 183 -6.56 -0.81 22.02
C TRP C 183 -6.74 -1.92 23.05
N SER C 184 -7.78 -1.83 23.87
CA SER C 184 -8.06 -2.86 24.87
C SER C 184 -9.10 -3.85 24.34
N TYR C 185 -9.22 -5.00 24.99
CA TYR C 185 -10.21 -5.98 24.55
C TYR C 185 -11.56 -5.50 25.05
N ARG C 186 -11.64 -5.23 26.35
CA ARG C 186 -12.87 -4.76 26.96
C ARG C 186 -13.22 -3.35 26.51
N ASP C 187 -14.42 -2.91 26.88
CA ASP C 187 -14.93 -1.59 26.51
C ASP C 187 -14.10 -0.44 27.06
N GLU C 188 -13.83 -0.49 28.36
CA GLU C 188 -13.05 0.55 29.02
C GLU C 188 -11.87 -0.04 29.77
N LEU C 189 -10.69 0.47 29.50
CA LEU C 189 -9.50 -0.04 30.14
C LEU C 189 -9.33 0.48 31.55
N LEU C 190 -9.42 1.81 31.67
CA LEU C 190 -9.23 2.48 32.95
C LEU C 190 -10.47 2.97 33.63
N THR C 191 -10.41 3.08 34.97
CA THR C 191 -11.49 3.62 35.76
C THR C 191 -11.31 5.13 35.63
N GLU C 192 -12.30 5.90 36.05
CA GLU C 192 -12.20 7.36 35.97
C GLU C 192 -10.96 7.86 36.72
N GLU C 193 -10.74 7.32 37.91
CA GLU C 193 -9.61 7.70 38.74
C GLU C 193 -8.31 7.46 37.97
N GLU C 194 -8.14 6.23 37.49
CA GLU C 194 -6.94 5.87 36.73
C GLU C 194 -6.72 6.77 35.50
N LEU C 195 -7.81 7.07 34.77
CA LEU C 195 -7.70 7.91 33.59
C LEU C 195 -7.25 9.31 33.98
N GLU C 196 -7.71 9.80 35.13
CA GLU C 196 -7.34 11.13 35.59
C GLU C 196 -5.86 11.21 35.91
N VAL C 197 -5.30 10.12 36.43
CA VAL C 197 -3.87 10.04 36.74
C VAL C 197 -3.10 10.18 35.43
N HIS C 198 -3.55 9.50 34.39
CA HIS C 198 -2.89 9.59 33.09
C HIS C 198 -2.98 11.00 32.51
N VAL C 199 -4.12 11.67 32.72
CA VAL C 199 -4.32 13.03 32.21
C VAL C 199 -3.39 14.00 32.95
N ASP C 200 -3.20 13.75 34.25
CA ASP C 200 -2.30 14.56 35.08
C ASP C 200 -0.91 14.51 34.45
N ASN C 201 -0.48 13.31 34.12
CA ASN C 201 0.82 13.09 33.50
C ASN C 201 0.91 13.69 32.11
N CYS C 202 -0.11 13.46 31.29
CA CYS C 202 -0.15 13.97 29.93
C CYS C 202 -0.07 15.48 29.88
N MET C 203 -0.70 16.12 30.86
CA MET C 203 -0.74 17.58 30.94
C MET C 203 0.52 18.26 31.48
N LYS C 204 1.46 17.47 32.00
CA LYS C 204 2.71 18.06 32.49
C LYS C 204 3.39 18.70 31.30
N PRO C 205 4.13 19.80 31.53
CA PRO C 205 4.82 20.52 30.45
C PRO C 205 5.67 19.62 29.54
N ASP C 206 5.44 19.78 28.24
CA ASP C 206 6.15 19.06 27.19
C ASP C 206 5.90 17.57 27.02
N ASN C 207 5.02 16.97 27.82
CA ASN C 207 4.79 15.52 27.75
C ASN C 207 4.04 15.10 26.49
N ILE C 208 3.12 15.94 26.02
CA ILE C 208 2.37 15.62 24.81
C ILE C 208 3.36 15.61 23.65
N HIS C 209 4.10 16.72 23.52
CA HIS C 209 5.09 16.89 22.45
C HIS C 209 6.20 15.84 22.56
N GLY C 210 6.67 15.57 23.77
CA GLY C 210 7.71 14.59 23.96
C GLY C 210 7.33 13.22 23.44
N GLY C 211 6.11 12.80 23.76
CA GLY C 211 5.61 11.51 23.32
C GLY C 211 5.42 11.51 21.83
N PHE C 212 4.93 12.62 21.27
CA PHE C 212 4.72 12.72 19.82
C PHE C 212 6.04 12.68 19.08
N ASN C 213 7.09 13.17 19.73
CA ASN C 213 8.43 13.18 19.13
C ASN C 213 8.96 11.77 18.86
N TYR C 214 8.46 10.79 19.61
CA TYR C 214 8.87 9.41 19.41
C TYR C 214 8.38 8.97 18.04
N TYR C 215 7.23 9.49 17.62
CA TYR C 215 6.69 9.17 16.30
C TYR C 215 7.47 9.95 15.24
N ARG C 216 7.75 11.22 15.52
CA ARG C 216 8.48 12.05 14.57
C ARG C 216 9.91 11.55 14.33
N ALA C 217 10.57 11.09 15.39
CA ALA C 217 11.95 10.60 15.30
C ALA C 217 12.16 9.16 14.86
N ASN C 218 11.17 8.29 15.09
CA ASN C 218 11.35 6.88 14.77
C ASN C 218 10.37 6.29 13.81
N ILE C 219 9.16 6.84 13.77
CA ILE C 219 8.12 6.32 12.89
C ILE C 219 7.90 7.25 11.68
N ARG C 220 8.88 7.28 10.79
CA ARG C 220 8.85 8.10 9.57
C ARG C 220 9.29 7.27 8.37
N PRO C 221 9.15 7.81 7.14
CA PRO C 221 9.57 7.06 5.95
C PRO C 221 11.08 6.86 5.97
N ASP C 222 11.81 7.97 6.09
CA ASP C 222 13.28 7.99 6.13
C ASP C 222 13.82 7.89 7.56
N ALA C 223 12.99 7.41 8.48
CA ALA C 223 13.33 7.28 9.88
C ALA C 223 14.62 6.52 10.20
N ALA C 224 14.91 5.45 9.46
CA ALA C 224 16.12 4.64 9.68
C ALA C 224 16.11 4.17 11.14
N LEU C 225 15.04 3.45 11.48
CA LEU C 225 14.83 2.94 12.82
C LEU C 225 15.84 1.89 13.26
N TRP C 226 16.04 0.88 12.41
CA TRP C 226 16.96 -0.21 12.71
C TRP C 226 18.41 -0.01 12.30
N THR C 227 19.31 -0.38 13.19
CA THR C 227 20.74 -0.26 12.94
C THR C 227 21.25 -1.60 12.40
N ASP C 228 22.51 -1.63 11.97
CA ASP C 228 23.11 -2.86 11.46
C ASP C 228 23.09 -3.92 12.56
N LEU C 229 23.46 -3.52 13.78
CA LEU C 229 23.49 -4.40 14.92
C LEU C 229 22.11 -4.99 15.25
N ASP C 230 21.06 -4.23 14.95
CA ASP C 230 19.69 -4.69 15.20
C ASP C 230 19.34 -5.89 14.32
N HIS C 231 20.05 -6.05 13.21
CA HIS C 231 19.78 -7.14 12.28
C HIS C 231 20.43 -8.46 12.70
N THR C 232 21.26 -8.44 13.74
CA THR C 232 21.93 -9.65 14.20
C THR C 232 21.06 -10.58 15.02
N MET C 233 21.46 -11.84 15.04
CA MET C 233 20.76 -12.90 15.76
C MET C 233 21.08 -12.83 17.26
N SER C 234 20.08 -13.05 18.11
CA SER C 234 20.28 -13.05 19.56
C SER C 234 19.90 -14.39 20.16
N ASP C 235 20.79 -14.98 20.94
CA ASP C 235 20.55 -16.28 21.57
C ASP C 235 19.98 -16.14 22.98
N LEU C 236 19.85 -14.89 23.43
CA LEU C 236 19.32 -14.61 24.76
C LEU C 236 17.90 -15.13 24.82
N PRO C 237 17.47 -15.67 25.99
CA PRO C 237 16.09 -16.18 26.11
C PRO C 237 15.09 -15.04 26.20
N VAL C 238 14.30 -14.93 25.14
CA VAL C 238 13.30 -13.89 25.00
C VAL C 238 11.90 -14.50 25.00
N THR C 239 10.99 -13.87 25.74
CA THR C 239 9.60 -14.30 25.85
C THR C 239 8.78 -13.20 25.22
N MET C 240 7.97 -13.53 24.22
CA MET C 240 7.14 -12.53 23.56
C MET C 240 5.68 -12.84 23.86
N ILE C 241 4.95 -11.83 24.30
CA ILE C 241 3.55 -11.97 24.67
C ILE C 241 2.71 -10.81 24.17
N TRP C 242 1.49 -11.10 23.71
CA TRP C 242 0.59 -10.05 23.25
C TRP C 242 -0.87 -10.44 23.33
N GLY C 243 -1.75 -9.44 23.39
CA GLY C 243 -3.18 -9.67 23.44
C GLY C 243 -3.71 -10.16 22.10
N LEU C 244 -4.57 -11.17 22.14
CA LEU C 244 -5.12 -11.76 20.93
C LEU C 244 -5.90 -10.74 20.08
N GLY C 245 -6.55 -9.79 20.76
CA GLY C 245 -7.32 -8.75 20.07
C GLY C 245 -8.55 -9.25 19.33
N ASP C 246 -8.84 -8.62 18.19
CA ASP C 246 -10.00 -9.01 17.39
C ASP C 246 -9.58 -9.54 16.03
N THR C 247 -8.34 -10.01 15.91
CA THR C 247 -7.85 -10.52 14.64
C THR C 247 -6.53 -11.30 14.79
N CYS C 248 -5.67 -11.19 13.78
CA CYS C 248 -4.39 -11.88 13.73
C CYS C 248 -3.41 -11.08 12.87
N VAL C 249 -3.95 -10.17 12.07
CA VAL C 249 -3.16 -9.35 11.14
C VAL C 249 -1.98 -8.50 11.64
N PRO C 250 -2.12 -7.82 12.80
CA PRO C 250 -0.98 -7.00 13.27
C PRO C 250 0.29 -7.82 13.54
N TYR C 251 0.12 -8.98 14.16
CA TYR C 251 1.25 -9.84 14.52
C TYR C 251 1.63 -10.99 13.60
N ALA C 252 0.88 -11.20 12.53
CA ALA C 252 1.17 -12.28 11.58
C ALA C 252 2.60 -12.20 11.01
N PRO C 253 3.06 -10.98 10.64
CA PRO C 253 4.41 -10.82 10.10
C PRO C 253 5.50 -11.00 11.17
N LEU C 254 5.18 -10.61 12.40
CA LEU C 254 6.12 -10.76 13.51
C LEU C 254 6.44 -12.24 13.73
N ILE C 255 5.45 -13.10 13.52
CA ILE C 255 5.63 -14.54 13.69
C ILE C 255 6.62 -15.15 12.69
N GLU C 256 6.65 -14.59 11.47
CA GLU C 256 7.55 -15.07 10.43
C GLU C 256 8.96 -14.48 10.58
N PHE C 257 9.02 -13.22 10.97
CA PHE C 257 10.27 -12.49 11.14
C PHE C 257 11.10 -12.80 12.38
N VAL C 258 10.43 -13.03 13.52
CA VAL C 258 11.13 -13.30 14.78
C VAL C 258 12.23 -14.36 14.73
N PRO C 259 11.95 -15.54 14.14
CA PRO C 259 12.98 -16.58 14.07
C PRO C 259 14.23 -16.16 13.31
N LYS C 260 14.12 -15.11 12.50
CA LYS C 260 15.26 -14.62 11.72
C LYS C 260 16.23 -13.79 12.58
N TYR C 261 15.78 -13.34 13.76
CA TYR C 261 16.61 -12.53 14.64
C TYR C 261 16.74 -13.09 16.05
N TYR C 262 15.88 -14.06 16.39
CA TYR C 262 15.91 -14.68 17.72
C TYR C 262 15.97 -16.22 17.61
N SER C 263 16.92 -16.81 18.31
CA SER C 263 17.11 -18.26 18.30
C SER C 263 16.61 -18.96 19.56
N ASN C 264 16.36 -18.19 20.61
CA ASN C 264 15.89 -18.75 21.88
C ASN C 264 14.73 -17.88 22.38
N TYR C 265 13.53 -18.19 21.89
CA TYR C 265 12.36 -17.41 22.23
C TYR C 265 11.07 -18.23 22.34
N THR C 266 10.01 -17.58 22.82
CA THR C 266 8.69 -18.19 22.94
C THR C 266 7.70 -17.08 22.61
N MET C 267 6.52 -17.47 22.15
CA MET C 267 5.46 -16.53 21.80
C MET C 267 4.17 -17.03 22.41
N GLU C 268 3.35 -16.10 22.86
CA GLU C 268 2.07 -16.43 23.45
C GLU C 268 1.11 -15.30 23.17
N THR C 269 -0.16 -15.66 22.99
CA THR C 269 -1.19 -14.66 22.79
C THR C 269 -2.10 -14.82 24.01
N ILE C 270 -2.56 -13.70 24.57
CA ILE C 270 -3.46 -13.75 25.71
C ILE C 270 -4.89 -13.49 25.25
N GLU C 271 -5.72 -14.49 25.47
CA GLU C 271 -7.14 -14.44 25.10
C GLU C 271 -7.82 -13.31 25.87
N ASP C 272 -8.79 -12.73 25.22
CA ASP C 272 -9.62 -11.65 25.80
C ASP C 272 -8.76 -10.60 26.49
N CYS C 273 -7.77 -10.10 25.76
CA CYS C 273 -6.86 -9.07 26.27
C CYS C 273 -6.36 -8.19 25.14
N GLY C 274 -6.18 -6.90 25.46
CA GLY C 274 -5.72 -5.96 24.48
C GLY C 274 -4.23 -5.66 24.55
N HIS C 275 -3.90 -4.43 24.16
CA HIS C 275 -2.54 -3.90 24.11
C HIS C 275 -1.83 -3.65 25.45
N PHE C 276 -2.60 -3.51 26.52
CA PHE C 276 -2.02 -3.23 27.84
C PHE C 276 -2.16 -4.41 28.82
N LEU C 277 -1.40 -5.47 28.57
CA LEU C 277 -1.44 -6.67 29.40
C LEU C 277 -1.29 -6.40 30.90
N MET C 278 -0.33 -5.56 31.28
CA MET C 278 -0.11 -5.27 32.70
C MET C 278 -1.28 -4.51 33.34
N VAL C 279 -2.12 -3.89 32.52
CA VAL C 279 -3.27 -3.13 33.00
C VAL C 279 -4.58 -3.91 32.91
N GLU C 280 -4.85 -4.51 31.75
CA GLU C 280 -6.09 -5.27 31.55
C GLU C 280 -6.08 -6.66 32.20
N LYS C 281 -4.92 -7.34 32.21
CA LYS C 281 -4.80 -8.67 32.82
C LYS C 281 -3.57 -8.72 33.74
N PRO C 282 -3.58 -7.91 34.82
CA PRO C 282 -2.49 -7.82 35.80
C PRO C 282 -1.95 -9.17 36.26
N GLU C 283 -2.86 -10.02 36.70
CA GLU C 283 -2.53 -11.36 37.19
C GLU C 283 -1.80 -12.18 36.15
N ILE C 284 -2.18 -12.03 34.89
CA ILE C 284 -1.53 -12.78 33.82
C ILE C 284 -0.11 -12.25 33.60
N ALA C 285 0.03 -10.92 33.59
CA ALA C 285 1.34 -10.27 33.40
C ALA C 285 2.33 -10.75 34.44
N ILE C 286 1.90 -10.71 35.71
CA ILE C 286 2.72 -11.14 36.84
C ILE C 286 3.10 -12.61 36.69
N ASP C 287 2.12 -13.45 36.38
CA ASP C 287 2.35 -14.88 36.21
C ASP C 287 3.35 -15.20 35.09
N ARG C 288 3.17 -14.54 33.95
CA ARG C 288 4.05 -14.74 32.80
C ARG C 288 5.49 -14.33 33.05
N ILE C 289 5.67 -13.21 33.75
CA ILE C 289 7.00 -12.71 34.07
C ILE C 289 7.68 -13.65 35.04
N LYS C 290 6.94 -14.09 36.05
CA LYS C 290 7.50 -15.04 37.00
C LYS C 290 7.83 -16.35 36.28
N THR C 291 6.96 -16.76 35.35
CA THR C 291 7.18 -17.98 34.57
C THR C 291 8.43 -17.85 33.71
N ALA C 292 8.48 -16.80 32.90
CA ALA C 292 9.62 -16.53 32.01
C ALA C 292 10.95 -16.39 32.74
N PHE C 293 10.95 -15.68 33.87
CA PHE C 293 12.19 -15.44 34.61
C PHE C 293 12.55 -16.40 35.74
N ARG C 294 11.79 -17.49 35.88
CA ARG C 294 12.07 -18.47 36.93
C ARG C 294 13.31 -19.27 36.51
N ALA D 2 -9.31 -45.55 -12.04
CA ALA D 2 -8.67 -44.93 -10.84
C ALA D 2 -9.42 -43.64 -10.46
N ILE D 3 -9.28 -42.63 -11.31
CA ILE D 3 -9.92 -41.33 -11.15
C ILE D 3 -10.91 -41.20 -12.30
N ARG D 4 -11.81 -40.23 -12.22
CA ARG D 4 -12.76 -40.03 -13.31
C ARG D 4 -12.21 -39.00 -14.28
N ARG D 5 -11.73 -39.48 -15.41
CA ARG D 5 -11.19 -38.60 -16.43
C ARG D 5 -12.32 -37.82 -17.07
N PRO D 6 -11.98 -36.74 -17.79
CA PRO D 6 -12.99 -35.91 -18.44
C PRO D 6 -14.02 -36.64 -19.30
N GLU D 7 -13.53 -37.58 -20.10
CA GLU D 7 -14.34 -38.37 -21.04
C GLU D 7 -15.33 -39.32 -20.36
N ASP D 8 -15.14 -39.48 -19.05
CA ASP D 8 -15.96 -40.33 -18.21
C ASP D 8 -17.22 -39.61 -17.68
N PHE D 9 -17.55 -38.48 -18.29
CA PHE D 9 -18.70 -37.69 -17.87
C PHE D 9 -19.60 -37.48 -19.06
N LYS D 10 -20.79 -36.95 -18.81
CA LYS D 10 -21.76 -36.68 -19.86
C LYS D 10 -21.66 -35.19 -20.21
N HIS D 11 -21.22 -34.89 -21.43
CA HIS D 11 -21.00 -33.52 -21.87
C HIS D 11 -22.12 -32.92 -22.69
N TYR D 12 -22.23 -31.59 -22.64
CA TYR D 12 -23.24 -30.85 -23.38
C TYR D 12 -22.63 -29.52 -23.80
N GLU D 13 -23.14 -28.97 -24.90
CA GLU D 13 -22.71 -27.68 -25.40
C GLU D 13 -23.98 -26.94 -25.69
N VAL D 14 -24.09 -25.71 -25.20
CA VAL D 14 -25.30 -24.95 -25.43
C VAL D 14 -24.99 -23.54 -25.87
N GLN D 15 -25.69 -23.11 -26.91
CA GLN D 15 -25.54 -21.77 -27.43
C GLN D 15 -26.43 -20.85 -26.61
N LEU D 16 -25.82 -20.07 -25.74
CA LEU D 16 -26.55 -19.12 -24.92
C LEU D 16 -26.61 -17.86 -25.77
N PRO D 17 -27.42 -16.86 -25.35
CA PRO D 17 -27.58 -15.60 -26.09
C PRO D 17 -26.29 -14.91 -26.56
N ASP D 18 -25.32 -14.77 -25.66
CA ASP D 18 -24.07 -14.09 -26.01
C ASP D 18 -22.85 -14.99 -26.14
N VAL D 19 -22.94 -16.23 -25.67
CA VAL D 19 -21.78 -17.11 -25.71
C VAL D 19 -22.20 -18.58 -25.74
N LYS D 20 -21.28 -19.44 -26.20
CA LYS D 20 -21.53 -20.87 -26.25
C LYS D 20 -20.87 -21.47 -24.99
N ILE D 21 -21.64 -22.20 -24.20
CA ILE D 21 -21.10 -22.80 -23.00
C ILE D 21 -21.06 -24.32 -23.00
N HIS D 22 -19.98 -24.88 -22.49
CA HIS D 22 -19.83 -26.30 -22.37
C HIS D 22 -20.02 -26.65 -20.90
N TYR D 23 -20.75 -27.72 -20.64
CA TYR D 23 -20.95 -28.17 -19.27
C TYR D 23 -21.08 -29.68 -19.24
N VAL D 24 -20.94 -30.22 -18.04
CA VAL D 24 -21.04 -31.63 -17.76
C VAL D 24 -22.25 -31.71 -16.83
N ARG D 25 -22.98 -32.82 -16.87
CA ARG D 25 -24.18 -32.96 -16.04
C ARG D 25 -24.49 -34.41 -15.71
N GLU D 26 -24.98 -34.63 -14.49
CA GLU D 26 -25.39 -35.95 -14.04
C GLU D 26 -26.08 -35.88 -12.67
N GLY D 27 -26.83 -36.93 -12.35
CA GLY D 27 -27.53 -36.99 -11.08
C GLY D 27 -29.01 -36.63 -11.15
N ALA D 28 -29.67 -36.73 -10.01
CA ALA D 28 -31.10 -36.43 -9.93
C ALA D 28 -31.38 -35.80 -8.59
N GLY D 29 -32.32 -34.88 -8.58
CA GLY D 29 -32.69 -34.20 -7.36
C GLY D 29 -32.67 -32.71 -7.64
N PRO D 30 -32.63 -31.86 -6.61
CA PRO D 30 -32.60 -30.42 -6.88
C PRO D 30 -31.30 -30.06 -7.62
N THR D 31 -31.34 -29.00 -8.42
CA THR D 31 -30.17 -28.62 -9.19
C THR D 31 -29.01 -28.04 -8.38
N LEU D 32 -27.80 -28.53 -8.65
CA LEU D 32 -26.56 -28.09 -7.99
C LEU D 32 -25.60 -27.54 -9.05
N LEU D 33 -25.40 -26.23 -9.07
CA LEU D 33 -24.49 -25.60 -10.04
C LEU D 33 -23.10 -25.45 -9.41
N LEU D 34 -22.09 -26.15 -9.93
CA LEU D 34 -20.75 -26.05 -9.37
C LEU D 34 -19.88 -25.21 -10.29
N LEU D 35 -19.35 -24.10 -9.77
CA LEU D 35 -18.53 -23.17 -10.55
C LEU D 35 -17.06 -23.09 -10.16
N HIS D 36 -16.18 -23.40 -11.11
CA HIS D 36 -14.72 -23.39 -10.91
C HIS D 36 -14.11 -21.98 -11.01
N GLY D 37 -12.82 -21.89 -10.70
CA GLY D 37 -12.12 -20.62 -10.82
C GLY D 37 -10.86 -20.80 -11.67
N TRP D 38 -9.81 -20.07 -11.31
CA TRP D 38 -8.51 -20.15 -11.99
C TRP D 38 -7.50 -20.63 -10.95
N PRO D 39 -6.61 -21.58 -11.33
CA PRO D 39 -6.54 -22.17 -12.66
C PRO D 39 -7.48 -23.38 -12.73
N GLY D 40 -7.73 -23.85 -13.93
CA GLY D 40 -8.59 -25.01 -14.05
C GLY D 40 -9.74 -24.87 -15.01
N PHE D 41 -10.74 -25.71 -14.76
CA PHE D 41 -11.95 -25.77 -15.53
C PHE D 41 -12.92 -26.67 -14.77
N TRP D 42 -14.04 -27.01 -15.39
CA TRP D 42 -15.07 -27.84 -14.76
C TRP D 42 -14.53 -29.10 -14.07
N TRP D 43 -13.50 -29.69 -14.67
CA TRP D 43 -12.94 -30.93 -14.15
C TRP D 43 -12.38 -30.93 -12.75
N GLU D 44 -12.13 -29.75 -12.19
CA GLU D 44 -11.59 -29.71 -10.82
C GLU D 44 -12.64 -30.29 -9.84
N TRP D 45 -13.88 -30.35 -10.28
CA TRP D 45 -14.97 -30.90 -9.46
C TRP D 45 -15.15 -32.40 -9.62
N SER D 46 -14.38 -33.00 -10.52
CA SER D 46 -14.49 -34.44 -10.83
C SER D 46 -14.57 -35.46 -9.70
N LYS D 47 -13.92 -35.18 -8.57
CA LYS D 47 -13.93 -36.13 -7.44
C LYS D 47 -15.20 -36.02 -6.59
N VAL D 48 -15.90 -34.92 -6.77
CA VAL D 48 -17.05 -34.60 -6.00
C VAL D 48 -18.39 -34.72 -6.72
N ILE D 49 -18.34 -34.70 -8.06
CA ILE D 49 -19.55 -34.79 -8.88
C ILE D 49 -20.36 -36.08 -8.68
N GLY D 50 -19.69 -37.22 -8.80
CA GLY D 50 -20.36 -38.50 -8.64
C GLY D 50 -21.16 -38.59 -7.36
N PRO D 51 -20.47 -38.50 -6.20
CA PRO D 51 -21.13 -38.58 -4.90
C PRO D 51 -22.32 -37.62 -4.77
N LEU D 52 -22.16 -36.37 -5.20
CA LEU D 52 -23.24 -35.39 -5.13
C LEU D 52 -24.38 -35.69 -6.09
N ALA D 53 -24.07 -36.40 -7.17
CA ALA D 53 -25.07 -36.76 -8.17
C ALA D 53 -26.09 -37.77 -7.62
N GLU D 54 -25.76 -38.39 -6.49
CA GLU D 54 -26.64 -39.34 -5.83
C GLU D 54 -27.82 -38.60 -5.20
N HIS D 55 -27.64 -37.31 -4.92
CA HIS D 55 -28.67 -36.50 -4.29
C HIS D 55 -29.06 -35.24 -5.05
N TYR D 56 -28.28 -34.85 -6.05
CA TYR D 56 -28.58 -33.64 -6.81
C TYR D 56 -28.41 -33.82 -8.30
N ASP D 57 -29.05 -32.94 -9.06
CA ASP D 57 -28.91 -32.89 -10.52
C ASP D 57 -27.71 -31.93 -10.67
N VAL D 58 -26.50 -32.49 -10.68
CA VAL D 58 -25.27 -31.71 -10.76
C VAL D 58 -24.95 -31.16 -12.16
N ILE D 59 -24.77 -29.85 -12.24
CA ILE D 59 -24.43 -29.16 -13.50
C ILE D 59 -23.11 -28.44 -13.24
N VAL D 60 -22.10 -28.74 -14.05
CA VAL D 60 -20.78 -28.14 -13.89
C VAL D 60 -20.28 -27.56 -15.20
N PRO D 61 -20.49 -26.26 -15.42
CA PRO D 61 -20.05 -25.61 -16.66
C PRO D 61 -18.63 -25.05 -16.60
N ASP D 62 -18.10 -24.77 -17.79
CA ASP D 62 -16.80 -24.14 -17.91
C ASP D 62 -17.22 -22.68 -18.04
N LEU D 63 -16.56 -21.78 -17.33
CA LEU D 63 -16.89 -20.35 -17.44
C LEU D 63 -16.45 -19.92 -18.82
N ARG D 64 -17.07 -18.88 -19.38
CA ARG D 64 -16.65 -18.40 -20.70
C ARG D 64 -15.14 -18.10 -20.59
N GLY D 65 -14.39 -18.40 -21.64
CA GLY D 65 -12.95 -18.18 -21.62
C GLY D 65 -12.15 -19.33 -21.01
N PHE D 66 -12.86 -20.38 -20.57
CA PHE D 66 -12.24 -21.56 -19.95
C PHE D 66 -12.68 -22.87 -20.59
N GLY D 67 -11.91 -23.93 -20.30
CA GLY D 67 -12.20 -25.27 -20.80
C GLY D 67 -12.61 -25.37 -22.25
N ASP D 68 -13.80 -25.91 -22.50
CA ASP D 68 -14.34 -26.06 -23.85
C ASP D 68 -15.39 -25.01 -24.12
N SER D 69 -15.66 -24.14 -23.16
CA SER D 69 -16.62 -23.05 -23.42
C SER D 69 -15.96 -22.07 -24.37
N GLU D 70 -16.77 -21.28 -25.06
CA GLU D 70 -16.26 -20.31 -26.00
C GLU D 70 -15.34 -19.27 -25.37
N LYS D 71 -14.31 -18.87 -26.13
CA LYS D 71 -13.39 -17.82 -25.70
C LYS D 71 -13.80 -16.63 -26.58
N PRO D 72 -14.62 -15.72 -26.05
CA PRO D 72 -15.04 -14.55 -26.84
C PRO D 72 -13.80 -13.78 -27.33
N ASP D 73 -14.02 -12.83 -28.24
CA ASP D 73 -12.95 -11.97 -28.79
C ASP D 73 -11.93 -11.67 -27.70
N LEU D 74 -10.76 -12.31 -27.81
CA LEU D 74 -9.69 -12.14 -26.82
C LEU D 74 -9.22 -10.71 -26.57
N ASN D 75 -9.46 -9.82 -27.55
CA ASN D 75 -9.07 -8.40 -27.45
C ASN D 75 -10.18 -7.51 -26.90
N ASP D 76 -11.34 -8.10 -26.66
CA ASP D 76 -12.47 -7.35 -26.13
C ASP D 76 -12.67 -7.77 -24.68
N LEU D 77 -12.05 -7.02 -23.78
CA LEU D 77 -12.15 -7.33 -22.36
C LEU D 77 -13.54 -7.21 -21.76
N SER D 78 -14.45 -6.49 -22.41
CA SER D 78 -15.81 -6.35 -21.88
C SER D 78 -16.52 -7.70 -21.87
N LYS D 79 -16.04 -8.61 -22.70
CA LYS D 79 -16.60 -9.96 -22.82
C LYS D 79 -15.98 -10.92 -21.81
N TYR D 80 -15.13 -10.38 -20.94
CA TYR D 80 -14.46 -11.19 -19.92
C TYR D 80 -14.69 -10.68 -18.50
N SER D 81 -15.68 -9.81 -18.31
CA SER D 81 -15.99 -9.31 -16.97
C SER D 81 -16.73 -10.42 -16.21
N LEU D 82 -16.55 -10.46 -14.90
CA LEU D 82 -17.23 -11.44 -14.08
C LEU D 82 -18.76 -11.23 -14.13
N ASP D 83 -19.18 -10.04 -14.58
CA ASP D 83 -20.61 -9.72 -14.70
C ASP D 83 -21.18 -10.60 -15.80
N LYS D 84 -20.44 -10.70 -16.89
CA LYS D 84 -20.83 -11.53 -18.02
C LYS D 84 -20.90 -13.02 -17.59
N ALA D 85 -19.96 -13.48 -16.78
CA ALA D 85 -19.95 -14.86 -16.31
C ALA D 85 -21.15 -15.17 -15.41
N ALA D 86 -21.62 -14.16 -14.67
CA ALA D 86 -22.78 -14.32 -13.80
C ALA D 86 -24.05 -14.39 -14.65
N ASP D 87 -24.13 -13.56 -15.69
CA ASP D 87 -25.28 -13.56 -16.60
C ASP D 87 -25.39 -14.92 -17.29
N ASP D 88 -24.23 -15.48 -17.64
CA ASP D 88 -24.15 -16.78 -18.31
C ASP D 88 -24.80 -17.86 -17.47
N GLN D 89 -24.64 -17.78 -16.15
CA GLN D 89 -25.23 -18.78 -15.25
C GLN D 89 -26.74 -18.73 -15.26
N ALA D 90 -27.29 -17.51 -15.29
CA ALA D 90 -28.72 -17.33 -15.36
C ALA D 90 -29.22 -17.84 -16.71
N ALA D 91 -28.50 -17.49 -17.78
CA ALA D 91 -28.85 -17.90 -19.13
C ALA D 91 -28.81 -19.43 -19.27
N LEU D 92 -27.90 -20.07 -18.55
CA LEU D 92 -27.75 -21.53 -18.58
C LEU D 92 -28.95 -22.17 -17.91
N LEU D 93 -29.37 -21.61 -16.78
CA LEU D 93 -30.52 -22.13 -16.07
C LEU D 93 -31.78 -21.99 -16.93
N ASP D 94 -31.87 -20.88 -17.67
CA ASP D 94 -33.01 -20.63 -18.56
C ASP D 94 -33.02 -21.66 -19.67
N ALA D 95 -31.84 -21.96 -20.20
CA ALA D 95 -31.70 -22.93 -21.28
C ALA D 95 -32.04 -24.35 -20.86
N LEU D 96 -31.79 -24.67 -19.59
CA LEU D 96 -32.11 -25.98 -19.06
C LEU D 96 -33.51 -26.02 -18.42
N GLY D 97 -34.20 -24.88 -18.45
CA GLY D 97 -35.54 -24.77 -17.88
C GLY D 97 -35.57 -24.93 -16.37
N ILE D 98 -34.50 -24.51 -15.72
CA ILE D 98 -34.38 -24.63 -14.27
C ILE D 98 -34.73 -23.31 -13.60
N GLU D 99 -35.69 -23.39 -12.68
CA GLU D 99 -36.18 -22.22 -11.98
C GLU D 99 -35.26 -21.75 -10.87
N LYS D 100 -34.85 -22.67 -10.01
CA LYS D 100 -33.99 -22.30 -8.89
C LYS D 100 -32.96 -23.39 -8.68
N ALA D 101 -31.77 -23.00 -8.27
CA ALA D 101 -30.70 -23.97 -8.05
C ALA D 101 -29.83 -23.62 -6.86
N TYR D 102 -29.16 -24.64 -6.34
CA TYR D 102 -28.18 -24.46 -5.29
C TYR D 102 -26.91 -24.11 -6.09
N VAL D 103 -26.12 -23.16 -5.61
CA VAL D 103 -24.92 -22.74 -6.33
C VAL D 103 -23.68 -22.70 -5.45
N VAL D 104 -22.59 -23.28 -5.95
CA VAL D 104 -21.30 -23.26 -5.25
C VAL D 104 -20.28 -22.57 -6.15
N GLY D 105 -19.69 -21.49 -5.66
CA GLY D 105 -18.68 -20.76 -6.41
C GLY D 105 -17.32 -20.86 -5.75
N HIS D 106 -16.32 -21.22 -6.54
CA HIS D 106 -14.95 -21.35 -6.04
C HIS D 106 -14.05 -20.32 -6.69
N ASP D 107 -13.14 -19.72 -5.92
CA ASP D 107 -12.18 -18.76 -6.47
C ASP D 107 -12.91 -17.61 -7.17
N PHE D 108 -12.57 -17.32 -8.44
CA PHE D 108 -13.22 -16.23 -9.21
C PHE D 108 -14.74 -16.37 -9.19
N ALA D 109 -15.22 -17.62 -9.23
CA ALA D 109 -16.65 -17.89 -9.27
C ALA D 109 -17.36 -17.50 -7.99
N ALA D 110 -16.59 -17.26 -6.92
CA ALA D 110 -17.16 -16.80 -5.67
C ALA D 110 -17.64 -15.37 -5.92
N ILE D 111 -16.92 -14.63 -6.77
CA ILE D 111 -17.30 -13.25 -7.11
C ILE D 111 -18.47 -13.32 -8.09
N VAL D 112 -18.43 -14.30 -8.98
CA VAL D 112 -19.51 -14.51 -9.94
C VAL D 112 -20.80 -14.80 -9.13
N LEU D 113 -20.66 -15.63 -8.10
CA LEU D 113 -21.78 -16.00 -7.23
C LEU D 113 -22.32 -14.78 -6.48
N HIS D 114 -21.42 -13.99 -5.87
CA HIS D 114 -21.81 -12.79 -5.14
C HIS D 114 -22.70 -11.94 -6.04
N LYS D 115 -22.28 -11.81 -7.30
CA LYS D 115 -23.03 -11.04 -8.30
C LYS D 115 -24.34 -11.71 -8.68
N PHE D 116 -24.27 -13.02 -8.90
CA PHE D 116 -25.42 -13.79 -9.31
C PHE D 116 -26.55 -13.80 -8.28
N ILE D 117 -26.24 -14.01 -7.00
CA ILE D 117 -27.30 -14.06 -6.00
C ILE D 117 -28.03 -12.76 -5.75
N ARG D 118 -27.47 -11.64 -6.20
CA ARG D 118 -28.12 -10.36 -6.03
C ARG D 118 -28.85 -9.99 -7.29
N LYS D 119 -28.25 -10.23 -8.44
CA LYS D 119 -28.91 -9.89 -9.70
C LYS D 119 -29.98 -10.90 -10.12
N TYR D 120 -29.87 -12.12 -9.60
CA TYR D 120 -30.82 -13.19 -9.91
C TYR D 120 -31.13 -13.92 -8.60
N SER D 121 -31.52 -13.15 -7.59
CA SER D 121 -31.84 -13.69 -6.25
C SER D 121 -32.96 -14.74 -6.25
N ASP D 122 -33.88 -14.63 -7.20
CA ASP D 122 -34.99 -15.56 -7.33
C ASP D 122 -34.62 -16.91 -8.00
N ARG D 123 -33.37 -17.03 -8.47
CA ARG D 123 -32.90 -18.27 -9.13
C ARG D 123 -32.06 -19.14 -8.22
N VAL D 124 -31.90 -18.75 -6.96
CA VAL D 124 -31.07 -19.54 -6.05
C VAL D 124 -31.79 -19.99 -4.78
N ILE D 125 -31.54 -21.24 -4.41
CA ILE D 125 -32.13 -21.83 -3.22
C ILE D 125 -31.20 -21.45 -2.08
N LYS D 126 -29.98 -21.95 -2.12
CA LYS D 126 -28.95 -21.62 -1.14
C LYS D 126 -27.63 -21.58 -1.91
N ALA D 127 -26.62 -20.91 -1.34
CA ALA D 127 -25.33 -20.81 -2.02
C ALA D 127 -24.17 -21.17 -1.09
N ALA D 128 -23.01 -21.44 -1.68
CA ALA D 128 -21.80 -21.75 -0.94
C ALA D 128 -20.61 -21.14 -1.66
N ILE D 129 -19.70 -20.57 -0.88
CA ILE D 129 -18.48 -19.93 -1.38
C ILE D 129 -17.29 -20.76 -0.94
N PHE D 130 -16.48 -21.18 -1.90
CA PHE D 130 -15.27 -21.96 -1.60
C PHE D 130 -14.05 -21.13 -1.99
N ASP D 131 -13.13 -20.97 -1.03
CA ASP D 131 -11.88 -20.26 -1.22
C ASP D 131 -11.91 -19.13 -2.24
N PRO D 132 -12.60 -18.03 -1.91
CA PRO D 132 -12.74 -16.88 -2.80
C PRO D 132 -11.47 -16.05 -3.01
N ILE D 133 -10.51 -16.21 -2.11
CA ILE D 133 -9.27 -15.43 -2.18
C ILE D 133 -8.02 -16.24 -2.48
N GLN D 134 -7.31 -15.82 -3.53
CA GLN D 134 -6.06 -16.47 -3.94
C GLN D 134 -4.95 -16.03 -2.98
N PRO D 135 -4.11 -16.97 -2.54
CA PRO D 135 -2.97 -16.84 -1.62
C PRO D 135 -2.03 -15.64 -1.66
N ASP D 136 -1.11 -15.63 -2.61
CA ASP D 136 -0.13 -14.54 -2.71
C ASP D 136 -0.74 -13.26 -3.29
N PHE D 137 -1.88 -12.88 -2.74
CA PHE D 137 -2.58 -11.68 -3.18
C PHE D 137 -2.49 -10.56 -2.14
N GLU D 149 -3.05 -6.20 -6.24
CA GLU D 149 -2.28 -6.81 -7.36
C GLU D 149 -1.19 -7.80 -6.91
N SER D 150 -1.35 -9.07 -7.28
CA SER D 150 -0.37 -10.12 -7.00
C SER D 150 0.60 -10.10 -8.20
N TRP D 151 1.76 -10.72 -8.06
CA TRP D 151 2.72 -10.75 -9.15
C TRP D 151 2.11 -11.35 -10.43
N TYR D 152 1.42 -12.49 -10.29
CA TYR D 152 0.82 -13.16 -11.44
C TYR D 152 -0.32 -12.39 -12.11
N SER D 153 -1.13 -11.67 -11.34
CA SER D 153 -2.21 -10.89 -11.93
C SER D 153 -1.61 -9.82 -12.84
N GLN D 154 -0.44 -9.30 -12.43
CA GLN D 154 0.28 -8.29 -13.22
C GLN D 154 0.93 -8.96 -14.42
N PHE D 155 1.54 -10.12 -14.18
CA PHE D 155 2.18 -10.89 -15.23
C PHE D 155 1.14 -11.24 -16.32
N HIS D 156 -0.05 -11.67 -15.89
CA HIS D 156 -1.14 -12.04 -16.81
C HIS D 156 -1.63 -10.90 -17.69
N GLN D 157 -1.26 -9.67 -17.33
CA GLN D 157 -1.65 -8.50 -18.12
C GLN D 157 -0.83 -8.42 -19.40
N LEU D 158 0.32 -9.13 -19.42
CA LEU D 158 1.22 -9.11 -20.56
C LEU D 158 1.04 -10.18 -21.61
N ASP D 159 1.15 -9.77 -22.87
CA ASP D 159 1.06 -10.70 -23.99
C ASP D 159 2.26 -11.62 -24.00
N MET D 160 3.36 -11.13 -23.43
CA MET D 160 4.59 -11.92 -23.35
C MET D 160 4.32 -13.14 -22.48
N ALA D 161 3.53 -12.95 -21.43
CA ALA D 161 3.18 -14.03 -20.50
C ALA D 161 2.40 -15.12 -21.22
N VAL D 162 1.49 -14.72 -22.10
CA VAL D 162 0.68 -15.68 -22.88
C VAL D 162 1.58 -16.53 -23.78
N GLU D 163 2.45 -15.87 -24.54
CA GLU D 163 3.36 -16.58 -25.44
C GLU D 163 4.33 -17.50 -24.71
N VAL D 164 4.84 -17.05 -23.57
CA VAL D 164 5.78 -17.84 -22.77
C VAL D 164 5.09 -19.05 -22.14
N VAL D 165 4.03 -18.81 -21.38
CA VAL D 165 3.32 -19.89 -20.70
C VAL D 165 2.78 -20.93 -21.67
N GLY D 166 2.30 -20.48 -22.82
CA GLY D 166 1.77 -21.41 -23.82
C GLY D 166 2.79 -21.85 -24.86
N SER D 167 4.07 -21.56 -24.64
CA SER D 167 5.10 -21.93 -25.61
C SER D 167 5.31 -23.43 -25.81
N SER D 168 4.99 -24.23 -24.78
CA SER D 168 5.12 -25.69 -24.86
C SER D 168 4.45 -26.32 -23.64
N ARG D 169 4.20 -27.63 -23.73
CA ARG D 169 3.58 -28.37 -22.62
C ARG D 169 4.47 -28.30 -21.38
N GLU D 170 5.77 -28.46 -21.59
CA GLU D 170 6.74 -28.43 -20.50
C GLU D 170 6.65 -27.17 -19.66
N VAL D 171 6.68 -26.03 -20.34
CA VAL D 171 6.58 -24.72 -19.69
C VAL D 171 5.21 -24.55 -19.04
N CYS D 172 4.14 -24.77 -19.81
CA CYS D 172 2.77 -24.65 -19.31
C CYS D 172 2.56 -25.47 -18.04
N LYS D 173 3.10 -26.70 -18.04
CA LYS D 173 2.99 -27.60 -16.91
C LYS D 173 3.72 -27.08 -15.70
N LYS D 174 4.93 -26.55 -15.91
CA LYS D 174 5.73 -26.00 -14.81
C LYS D 174 5.01 -24.82 -14.16
N TYR D 175 4.52 -23.91 -15.01
CA TYR D 175 3.82 -22.72 -14.55
C TYR D 175 2.59 -23.04 -13.71
N PHE D 176 1.67 -23.83 -14.26
CA PHE D 176 0.45 -24.17 -13.53
C PHE D 176 0.65 -25.06 -12.34
N LYS D 177 1.66 -25.95 -12.39
CA LYS D 177 1.94 -26.86 -11.26
C LYS D 177 2.30 -26.04 -10.04
N HIS D 178 2.99 -24.93 -10.29
CA HIS D 178 3.38 -24.04 -9.21
C HIS D 178 2.16 -23.59 -8.39
N PHE D 179 1.14 -23.12 -9.08
CA PHE D 179 -0.07 -22.65 -8.41
C PHE D 179 -0.84 -23.75 -7.73
N PHE D 180 -0.97 -24.90 -8.40
CA PHE D 180 -1.69 -26.04 -7.82
C PHE D 180 -1.05 -26.43 -6.50
N ASP D 181 0.28 -26.56 -6.50
CA ASP D 181 1.03 -26.97 -5.31
C ASP D 181 1.19 -25.89 -4.25
N HIS D 182 1.66 -24.73 -4.68
CA HIS D 182 1.87 -23.62 -3.77
C HIS D 182 0.58 -23.17 -3.08
N TRP D 183 -0.57 -23.29 -3.75
CA TRP D 183 -1.84 -22.90 -3.15
C TRP D 183 -2.48 -24.03 -2.34
N SER D 184 -1.81 -25.16 -2.22
CA SER D 184 -2.36 -26.28 -1.45
C SER D 184 -1.60 -26.45 -0.15
N TYR D 185 -2.19 -27.17 0.80
CA TYR D 185 -1.54 -27.42 2.08
C TYR D 185 -0.42 -28.43 1.91
N ARG D 186 -0.76 -29.63 1.46
CA ARG D 186 0.23 -30.68 1.24
C ARG D 186 1.18 -30.27 0.11
N ASP D 187 2.28 -30.99 -0.03
CA ASP D 187 3.27 -30.67 -1.06
C ASP D 187 2.79 -30.71 -2.48
N GLU D 188 2.07 -31.77 -2.84
CA GLU D 188 1.57 -31.92 -4.20
C GLU D 188 0.09 -32.15 -4.26
N LEU D 189 -0.61 -31.23 -4.94
CA LEU D 189 -2.04 -31.32 -5.09
C LEU D 189 -2.47 -32.45 -6.01
N LEU D 190 -1.93 -32.43 -7.22
CA LEU D 190 -2.28 -33.40 -8.24
C LEU D 190 -1.28 -34.50 -8.49
N THR D 191 -1.79 -35.62 -8.99
CA THR D 191 -0.95 -36.73 -9.36
C THR D 191 -0.45 -36.34 -10.75
N GLU D 192 0.54 -37.06 -11.25
CA GLU D 192 1.06 -36.77 -12.56
C GLU D 192 -0.08 -36.85 -13.59
N GLU D 193 -0.98 -37.82 -13.39
CA GLU D 193 -2.09 -38.00 -14.31
C GLU D 193 -3.04 -36.83 -14.32
N GLU D 194 -3.45 -36.40 -13.12
CA GLU D 194 -4.35 -35.28 -13.00
C GLU D 194 -3.75 -34.00 -13.58
N LEU D 195 -2.47 -33.78 -13.32
CA LEU D 195 -1.78 -32.59 -13.83
C LEU D 195 -1.76 -32.60 -15.36
N GLU D 196 -1.53 -33.76 -15.95
CA GLU D 196 -1.50 -33.89 -17.41
C GLU D 196 -2.88 -33.55 -17.99
N VAL D 197 -3.93 -33.91 -17.26
CA VAL D 197 -5.28 -33.58 -17.71
C VAL D 197 -5.44 -32.06 -17.75
N HIS D 198 -4.94 -31.37 -16.73
CA HIS D 198 -5.03 -29.91 -16.70
C HIS D 198 -4.19 -29.28 -17.79
N VAL D 199 -3.01 -29.84 -18.04
CA VAL D 199 -2.13 -29.32 -19.09
C VAL D 199 -2.80 -29.47 -20.46
N ASP D 200 -3.48 -30.61 -20.67
CA ASP D 200 -4.22 -30.86 -21.93
C ASP D 200 -5.19 -29.70 -22.13
N ASN D 201 -5.92 -29.38 -21.06
CA ASN D 201 -6.90 -28.31 -21.09
C ASN D 201 -6.22 -26.96 -21.30
N CYS D 202 -5.14 -26.70 -20.55
CA CYS D 202 -4.43 -25.42 -20.64
C CYS D 202 -3.89 -25.15 -22.02
N MET D 203 -3.44 -26.20 -22.70
CA MET D 203 -2.89 -26.11 -24.04
C MET D 203 -3.90 -26.01 -25.18
N LYS D 204 -5.20 -26.06 -24.87
CA LYS D 204 -6.23 -25.94 -25.92
C LYS D 204 -6.16 -24.52 -26.41
N PRO D 205 -6.42 -24.29 -27.70
CA PRO D 205 -6.37 -22.95 -28.27
C PRO D 205 -7.11 -21.90 -27.46
N ASP D 206 -6.40 -20.80 -27.20
CA ASP D 206 -6.91 -19.63 -26.47
C ASP D 206 -7.22 -19.79 -25.00
N ASN D 207 -7.00 -20.97 -24.43
CA ASN D 207 -7.26 -21.15 -23.02
C ASN D 207 -6.33 -20.39 -22.08
N ILE D 208 -5.05 -20.29 -22.42
CA ILE D 208 -4.13 -19.55 -21.56
C ILE D 208 -4.56 -18.08 -21.54
N HIS D 209 -4.71 -17.50 -22.72
CA HIS D 209 -5.10 -16.11 -22.87
C HIS D 209 -6.51 -15.87 -22.29
N GLY D 210 -7.44 -16.78 -22.55
CA GLY D 210 -8.80 -16.65 -22.02
C GLY D 210 -8.79 -16.50 -20.50
N GLY D 211 -8.01 -17.34 -19.82
CA GLY D 211 -7.92 -17.28 -18.38
C GLY D 211 -7.22 -16.01 -17.91
N PHE D 212 -6.14 -15.62 -18.59
CA PHE D 212 -5.41 -14.41 -18.24
C PHE D 212 -6.31 -13.20 -18.38
N ASN D 213 -7.21 -13.23 -19.37
CA ASN D 213 -8.15 -12.14 -19.63
C ASN D 213 -9.06 -11.89 -18.45
N TYR D 214 -9.23 -12.88 -17.58
CA TYR D 214 -10.05 -12.67 -16.39
C TYR D 214 -9.34 -11.70 -15.47
N TYR D 215 -8.01 -11.75 -15.49
CA TYR D 215 -7.21 -10.84 -14.67
C TYR D 215 -7.15 -9.48 -15.35
N ARG D 216 -7.02 -9.48 -16.67
CA ARG D 216 -6.96 -8.22 -17.39
C ARG D 216 -8.26 -7.42 -17.31
N ALA D 217 -9.40 -8.11 -17.33
CA ALA D 217 -10.69 -7.44 -17.29
C ALA D 217 -11.27 -7.14 -15.92
N ASN D 218 -10.84 -7.87 -14.91
CA ASN D 218 -11.40 -7.71 -13.57
C ASN D 218 -10.46 -7.38 -12.44
N ILE D 219 -9.22 -7.87 -12.52
CA ILE D 219 -8.25 -7.68 -11.46
C ILE D 219 -7.18 -6.67 -11.85
N ARG D 220 -7.60 -5.42 -11.99
CA ARG D 220 -6.72 -4.33 -12.33
C ARG D 220 -7.41 -3.10 -11.76
N PRO D 221 -6.64 -2.21 -11.09
CA PRO D 221 -7.15 -0.99 -10.47
C PRO D 221 -7.97 -0.11 -11.44
N ASP D 222 -7.66 -0.20 -12.74
CA ASP D 222 -8.37 0.55 -13.77
C ASP D 222 -9.83 0.06 -13.96
N ALA D 223 -10.09 -1.23 -13.70
CA ALA D 223 -11.42 -1.82 -13.88
C ALA D 223 -12.38 -1.74 -12.70
N ALA D 224 -13.66 -1.59 -13.02
CA ALA D 224 -14.72 -1.53 -12.00
C ALA D 224 -15.21 -2.96 -11.80
N LEU D 225 -14.69 -3.60 -10.76
CA LEU D 225 -15.05 -4.97 -10.45
C LEU D 225 -16.51 -5.03 -9.98
N TRP D 226 -16.81 -4.29 -8.91
CA TRP D 226 -18.13 -4.27 -8.32
C TRP D 226 -19.14 -3.29 -8.92
N THR D 227 -20.41 -3.70 -8.88
CA THR D 227 -21.50 -2.88 -9.39
C THR D 227 -22.27 -2.35 -8.18
N ASP D 228 -23.22 -1.45 -8.44
CA ASP D 228 -24.04 -0.88 -7.37
C ASP D 228 -24.78 -2.00 -6.66
N LEU D 229 -25.39 -2.86 -7.45
CA LEU D 229 -26.13 -3.99 -6.93
C LEU D 229 -25.28 -4.91 -6.06
N ASP D 230 -23.98 -5.00 -6.35
CA ASP D 230 -23.09 -5.85 -5.56
C ASP D 230 -22.94 -5.37 -4.13
N HIS D 231 -23.22 -4.09 -3.92
CA HIS D 231 -23.10 -3.49 -2.59
C HIS D 231 -24.31 -3.72 -1.68
N THR D 232 -25.38 -4.28 -2.25
CA THR D 232 -26.59 -4.54 -1.47
C THR D 232 -26.52 -5.79 -0.61
N MET D 233 -27.35 -5.82 0.41
CA MET D 233 -27.40 -6.93 1.36
C MET D 233 -28.13 -8.15 0.80
N SER D 234 -27.72 -9.32 1.25
CA SER D 234 -28.37 -10.56 0.83
C SER D 234 -28.76 -11.39 2.03
N ASP D 235 -30.02 -11.78 2.08
CA ASP D 235 -30.56 -12.61 3.16
C ASP D 235 -30.41 -14.08 2.83
N LEU D 236 -29.97 -14.37 1.60
CA LEU D 236 -29.79 -15.73 1.13
C LEU D 236 -28.81 -16.49 1.99
N PRO D 237 -29.16 -17.74 2.36
CA PRO D 237 -28.24 -18.52 3.18
C PRO D 237 -26.98 -18.91 2.38
N VAL D 238 -25.83 -18.40 2.83
CA VAL D 238 -24.54 -18.66 2.18
C VAL D 238 -23.55 -19.37 3.09
N THR D 239 -23.02 -20.50 2.62
CA THR D 239 -22.05 -21.28 3.39
C THR D 239 -20.65 -20.93 2.88
N MET D 240 -19.84 -20.32 3.75
CA MET D 240 -18.50 -19.93 3.36
C MET D 240 -17.41 -20.79 3.96
N ILE D 241 -16.63 -21.42 3.08
CA ILE D 241 -15.55 -22.30 3.51
C ILE D 241 -14.28 -21.99 2.73
N TRP D 242 -13.15 -22.20 3.38
CA TRP D 242 -11.85 -21.98 2.77
C TRP D 242 -10.80 -22.70 3.59
N GLY D 243 -9.79 -23.24 2.93
CA GLY D 243 -8.74 -23.95 3.62
C GLY D 243 -7.93 -23.00 4.49
N LEU D 244 -7.57 -23.46 5.69
CA LEU D 244 -6.79 -22.66 6.63
C LEU D 244 -5.53 -22.12 5.96
N GLY D 245 -4.95 -22.92 5.06
CA GLY D 245 -3.77 -22.51 4.31
C GLY D 245 -2.48 -22.38 5.11
N ASP D 246 -1.77 -21.27 4.88
CA ASP D 246 -0.49 -20.99 5.56
C ASP D 246 -0.61 -19.94 6.65
N THR D 247 -1.62 -19.10 6.56
CA THR D 247 -1.76 -18.03 7.56
C THR D 247 -3.24 -17.69 7.83
N CYS D 248 -3.52 -16.41 7.99
CA CYS D 248 -4.90 -15.89 8.20
C CYS D 248 -5.03 -14.47 7.64
N VAL D 249 -3.89 -13.88 7.29
CA VAL D 249 -3.82 -12.53 6.75
C VAL D 249 -4.65 -12.31 5.48
N PRO D 250 -4.59 -13.26 4.51
CA PRO D 250 -5.37 -13.11 3.27
C PRO D 250 -6.89 -13.02 3.51
N TYR D 251 -7.40 -13.87 4.40
CA TYR D 251 -8.83 -13.92 4.70
C TYR D 251 -9.35 -13.04 5.82
N ALA D 252 -8.45 -12.25 6.42
CA ALA D 252 -8.85 -11.35 7.51
C ALA D 252 -9.89 -10.32 7.07
N PRO D 253 -9.66 -9.66 5.91
CA PRO D 253 -10.62 -8.65 5.44
C PRO D 253 -11.99 -9.26 5.08
N LEU D 254 -12.00 -10.55 4.71
CA LEU D 254 -13.23 -11.24 4.35
C LEU D 254 -14.10 -11.34 5.61
N ILE D 255 -13.54 -11.83 6.71
CA ILE D 255 -14.26 -11.97 7.97
C ILE D 255 -14.83 -10.61 8.40
N GLU D 256 -14.12 -9.55 8.05
CA GLU D 256 -14.52 -8.18 8.39
C GLU D 256 -15.64 -7.63 7.52
N PHE D 257 -15.49 -7.78 6.20
CA PHE D 257 -16.47 -7.27 5.25
C PHE D 257 -17.76 -8.06 5.02
N VAL D 258 -17.71 -9.39 5.16
CA VAL D 258 -18.89 -10.23 4.92
C VAL D 258 -20.20 -9.76 5.55
N PRO D 259 -20.25 -9.63 6.91
CA PRO D 259 -21.48 -9.18 7.58
C PRO D 259 -22.11 -7.90 7.04
N LYS D 260 -21.33 -7.12 6.31
CA LYS D 260 -21.83 -5.88 5.73
C LYS D 260 -22.67 -6.14 4.49
N TYR D 261 -22.48 -7.31 3.87
CA TYR D 261 -23.23 -7.66 2.65
C TYR D 261 -24.06 -8.94 2.74
N TYR D 262 -23.86 -9.70 3.81
CA TYR D 262 -24.57 -10.94 4.05
C TYR D 262 -25.15 -10.96 5.46
N SER D 263 -26.45 -11.28 5.56
CA SER D 263 -27.14 -11.34 6.85
C SER D 263 -27.38 -12.78 7.31
N ASN D 264 -27.34 -13.72 6.37
CA ASN D 264 -27.57 -15.14 6.65
C ASN D 264 -26.43 -15.95 6.06
N TYR D 265 -25.41 -16.18 6.86
CA TYR D 265 -24.22 -16.91 6.41
C TYR D 265 -23.46 -17.62 7.52
N THR D 266 -22.56 -18.50 7.11
CA THR D 266 -21.68 -19.23 8.03
C THR D 266 -20.28 -19.23 7.39
N MET D 267 -19.26 -19.31 8.25
CA MET D 267 -17.86 -19.32 7.79
C MET D 267 -17.14 -20.48 8.46
N GLU D 268 -16.19 -21.07 7.76
CA GLU D 268 -15.43 -22.17 8.33
C GLU D 268 -14.13 -22.34 7.59
N THR D 269 -13.11 -22.67 8.35
CA THR D 269 -11.79 -22.89 7.80
C THR D 269 -11.49 -24.38 7.96
N ILE D 270 -10.94 -24.96 6.91
CA ILE D 270 -10.62 -26.37 6.92
C ILE D 270 -9.15 -26.52 7.25
N GLU D 271 -8.88 -27.18 8.36
CA GLU D 271 -7.53 -27.44 8.84
C GLU D 271 -6.84 -28.40 7.86
N ASP D 272 -5.56 -28.17 7.61
CA ASP D 272 -4.76 -29.01 6.71
C ASP D 272 -5.27 -29.05 5.26
N CYS D 273 -5.82 -27.93 4.80
CA CYS D 273 -6.33 -27.84 3.45
C CYS D 273 -6.00 -26.49 2.83
N GLY D 274 -5.77 -26.53 1.51
CA GLY D 274 -5.45 -25.32 0.76
C GLY D 274 -6.60 -24.70 0.00
N HIS D 275 -6.25 -24.08 -1.13
CA HIS D 275 -7.19 -23.37 -1.98
C HIS D 275 -8.15 -24.24 -2.81
N PHE D 276 -7.85 -25.53 -2.94
CA PHE D 276 -8.70 -26.42 -3.73
C PHE D 276 -9.40 -27.47 -2.87
N LEU D 277 -10.42 -27.03 -2.13
CA LEU D 277 -11.15 -27.92 -1.24
C LEU D 277 -11.68 -29.20 -1.93
N MET D 278 -12.29 -29.04 -3.10
CA MET D 278 -12.84 -30.18 -3.83
C MET D 278 -11.78 -31.15 -4.37
N VAL D 279 -10.53 -30.72 -4.36
CA VAL D 279 -9.44 -31.57 -4.86
C VAL D 279 -8.60 -32.15 -3.71
N GLU D 280 -8.26 -31.32 -2.73
CA GLU D 280 -7.44 -31.74 -1.60
C GLU D 280 -8.22 -32.44 -0.49
N LYS D 281 -9.47 -32.04 -0.30
CA LYS D 281 -10.33 -32.65 0.73
C LYS D 281 -11.73 -32.88 0.14
N PRO D 282 -11.84 -33.79 -0.85
CA PRO D 282 -13.11 -34.11 -1.53
C PRO D 282 -14.23 -34.49 -0.55
N GLU D 283 -13.94 -35.39 0.38
CA GLU D 283 -14.92 -35.85 1.37
C GLU D 283 -15.52 -34.69 2.14
N ILE D 284 -14.65 -33.78 2.57
CA ILE D 284 -15.09 -32.61 3.30
C ILE D 284 -15.99 -31.72 2.43
N ALA D 285 -15.61 -31.52 1.17
CA ALA D 285 -16.41 -30.69 0.27
C ALA D 285 -17.80 -31.30 0.09
N ILE D 286 -17.86 -32.61 -0.12
CA ILE D 286 -19.14 -33.31 -0.32
C ILE D 286 -19.99 -33.20 0.95
N ASP D 287 -19.37 -33.47 2.10
CA ASP D 287 -20.06 -33.39 3.36
C ASP D 287 -20.69 -32.02 3.60
N ARG D 288 -19.89 -30.97 3.48
CA ARG D 288 -20.37 -29.62 3.70
C ARG D 288 -21.51 -29.20 2.77
N ILE D 289 -21.45 -29.64 1.51
CA ILE D 289 -22.50 -29.30 0.55
C ILE D 289 -23.81 -30.01 0.89
N LYS D 290 -23.74 -31.33 1.11
CA LYS D 290 -24.93 -32.12 1.44
C LYS D 290 -25.62 -31.63 2.71
N THR D 291 -24.82 -31.35 3.73
CA THR D 291 -25.34 -30.88 5.01
C THR D 291 -26.08 -29.55 4.84
N ALA D 292 -25.40 -28.58 4.25
CA ALA D 292 -25.99 -27.26 4.07
C ALA D 292 -27.13 -27.21 3.08
N PHE D 293 -26.95 -27.89 1.95
CA PHE D 293 -27.94 -27.87 0.88
C PHE D 293 -29.11 -28.83 1.01
N ARG D 294 -30.00 -28.50 1.94
CA ARG D 294 -31.19 -29.31 2.18
C ARG D 294 -32.17 -28.52 3.03
K K E . 1.46 26.44 2.44
K K F . 8.60 1.21 -25.23
K K G . -12.09 -1.90 23.38
K K H . 1.85 -26.72 -0.72
#